data_6HBY
#
_entry.id   6HBY
#
_cell.length_a   56.960
_cell.length_b   121.290
_cell.length_c   68.960
_cell.angle_alpha   90.00
_cell.angle_beta   107.30
_cell.angle_gamma   90.00
#
_symmetry.space_group_name_H-M   'P 1 21 1'
#
loop_
_entity.id
_entity.type
_entity.pdbx_description
1 polymer 'HLA class II histocompatibility antigen, DR alpha chain'
2 polymer 'HLA class II histocompatibility antigen, DRB1-1 beta chain'
3 polymer 'ARRPPLAELAALNLSGSRL 5T4 tumour epitope'
4 polymer 'HLA class II histocompatibility antigen, DR alpha chain'
5 non-polymer 1,2-ETHANEDIOL
6 non-polymer 'PHOSPHATE ION'
7 water water
#
loop_
_entity_poly.entity_id
_entity_poly.type
_entity_poly.pdbx_seq_one_letter_code
_entity_poly.pdbx_strand_id
1 'polypeptide(L)'
;EEHVIIQAEFYLNPDQSGEFMFDFDGDEIFHVDMAKKETVWRLEEFGRFASFEAQGALANIAVDKANLEIMTKRSNYTPI
TNVPPEVTVLTNSPVELREPNVLICFIDKFTPPVVNVTWLRNGKPVTTGVSETVFLPREDHLFRKFHYLPFLPSTEDVYD
CRVEHWGLDEPLLKHWEF
;
A
2 'polypeptide(L)'
;MGDTRPRFLWQLKFECHFFNGTERVRLLERCIYNQEESVRFDSDVGEYRAVTELGRPDAEYWNSQKDLLEQRRAAVDTYC
RHNYGVGESFTVQRRVEPKVTVYPSKTQPLQHHNLLVCSVSGFYPGSIEVRWFRNGQEEKAGVVSTGLIQNGDWTFQTLV
MLETVPRSGEVYTCQVEHPSVTSPLTVEWRA
;
B,E
3 'polypeptide(L)' ARRPPLAELAALNLSGSRL C,F
4 'polypeptide(L)'
;KEEHVIIQAEFYLNPDQSGEFMFDFDGDEIFHVDMAKKETVWRLEEFGRFASFEAQGALANIAVDKANLEIMTKRSNYTP
ITNVPPEVTVLTNSPVELREPNVLICFIDKFTPPVVNVTWLRNGKPVTTGVSETVFLPREDHLFRKFHYLPFLPSTEDVY
DCRVEHWGLDEPLLKHWEFD
;
D
#
# COMPACT_ATOMS: atom_id res chain seq x y z
N GLU A 1 15.78 -4.72 -4.69
CA GLU A 1 16.09 -3.46 -3.91
C GLU A 1 15.23 -2.27 -4.39
N GLU A 2 14.04 -2.17 -3.82
CA GLU A 2 13.24 -0.98 -3.86
C GLU A 2 13.55 0.04 -2.68
N HIS A 3 13.46 1.32 -3.02
CA HIS A 3 13.54 2.39 -2.06
C HIS A 3 12.53 3.51 -2.44
N VAL A 4 12.11 4.35 -1.50
CA VAL A 4 11.29 5.47 -1.75
C VAL A 4 11.76 6.73 -1.04
N ILE A 5 11.84 7.85 -1.73
CA ILE A 5 12.12 9.16 -1.11
C ILE A 5 10.81 9.97 -1.26
N ILE A 6 10.31 10.53 -0.17
CA ILE A 6 9.14 11.28 -0.17
C ILE A 6 9.39 12.67 0.33
N GLN A 7 8.99 13.68 -0.46
CA GLN A 7 8.92 15.07 0.04
C GLN A 7 7.43 15.23 0.54
N ALA A 8 7.28 15.48 1.84
CA ALA A 8 5.94 15.60 2.44
C ALA A 8 5.76 16.92 3.13
N GLU A 9 4.63 17.57 2.82
CA GLU A 9 4.28 18.88 3.40
C GLU A 9 2.88 18.82 3.96
N PHE A 10 2.62 19.60 4.99
CA PHE A 10 1.23 19.89 5.35
C PHE A 10 1.08 21.32 5.85
N TYR A 11 -0.17 21.78 5.77
CA TYR A 11 -0.56 23.02 6.37
C TYR A 11 -1.94 22.77 6.95
N LEU A 12 -2.10 23.22 8.17
CA LEU A 12 -3.33 23.05 8.96
C LEU A 12 -3.90 24.37 9.47
N ASN A 13 -5.20 24.55 9.22
CA ASN A 13 -5.99 25.63 9.80
C ASN A 13 -7.01 25.07 10.78
N PRO A 14 -7.37 25.85 11.81
CA PRO A 14 -6.91 27.26 12.03
C PRO A 14 -5.61 27.40 12.84
N ASP A 15 -4.92 26.29 13.16
CA ASP A 15 -3.64 26.40 13.90
C ASP A 15 -2.53 27.22 13.14
N GLN A 16 -2.58 27.31 11.80
CA GLN A 16 -1.57 27.93 10.99
C GLN A 16 -0.25 27.22 11.23
N SER A 17 -0.31 25.91 11.30
CA SER A 17 0.89 25.19 11.48
C SER A 17 1.22 24.40 10.21
N GLY A 18 2.52 24.34 9.92
CA GLY A 18 3.01 23.73 8.68
C GLY A 18 4.21 22.85 8.97
N GLU A 19 4.45 21.94 8.09
CA GLU A 19 5.62 21.11 8.10
C GLU A 19 6.12 20.88 6.69
N PHE A 20 7.45 20.76 6.54
CA PHE A 20 8.04 20.34 5.29
C PHE A 20 9.14 19.38 5.63
N MET A 21 9.19 18.23 4.99
CA MET A 21 10.19 17.20 5.35
C MET A 21 10.46 16.25 4.21
N PHE A 22 11.61 15.55 4.28
CA PHE A 22 11.95 14.47 3.35
C PHE A 22 12.04 13.19 4.20
N ASP A 23 11.64 12.08 3.60
CA ASP A 23 11.44 10.78 4.24
C ASP A 23 12.13 9.80 3.32
N PHE A 24 12.93 8.91 3.88
CA PHE A 24 13.58 7.85 3.10
C PHE A 24 13.23 6.54 3.76
N ASP A 25 12.44 5.71 3.02
CA ASP A 25 12.00 4.44 3.50
C ASP A 25 11.44 4.53 4.93
N GLY A 26 10.68 5.58 5.24
CA GLY A 26 10.02 5.70 6.57
C GLY A 26 10.78 6.51 7.67
N ASP A 27 12.06 6.78 7.47
CA ASP A 27 12.83 7.67 8.36
C ASP A 27 12.93 9.10 7.79
N GLU A 28 13.08 10.07 8.68
CA GLU A 28 13.25 11.47 8.30
C GLU A 28 14.73 11.81 7.94
N ILE A 29 14.95 12.35 6.77
CA ILE A 29 16.23 12.90 6.36
C ILE A 29 16.43 14.26 7.01
N PHE A 30 15.49 15.19 6.76
CA PHE A 30 15.48 16.50 7.37
C PHE A 30 14.05 17.04 7.43
N HIS A 31 13.90 18.07 8.24
CA HIS A 31 12.74 18.93 8.12
C HIS A 31 13.18 20.39 8.04
N VAL A 32 12.30 21.29 7.61
CA VAL A 32 12.56 22.70 7.79
C VAL A 32 11.92 23.32 9.03
N ASP A 33 12.71 23.94 9.89
CA ASP A 33 12.10 24.56 11.07
C ASP A 33 11.41 25.82 10.56
N MET A 34 10.10 25.94 10.74
CA MET A 34 9.36 27.13 10.24
C MET A 34 9.76 28.42 10.99
N ALA A 35 9.89 28.35 12.30
CA ALA A 35 10.19 29.59 13.04
C ALA A 35 11.60 30.08 12.76
N LYS A 36 12.61 29.21 12.71
CA LYS A 36 14.00 29.64 12.38
C LYS A 36 14.34 29.72 10.90
N LYS A 37 13.50 29.14 10.04
CA LYS A 37 13.69 29.17 8.58
C LYS A 37 14.93 28.45 8.15
N GLU A 38 15.10 27.25 8.68
CA GLU A 38 16.39 26.58 8.76
C GLU A 38 16.20 25.09 8.49
N THR A 39 17.12 24.52 7.74
CA THR A 39 17.14 23.04 7.55
C THR A 39 17.65 22.32 8.84
N VAL A 40 16.88 21.36 9.33
CA VAL A 40 17.23 20.57 10.50
C VAL A 40 17.37 19.12 10.03
N TRP A 41 18.62 18.67 9.98
CA TRP A 41 18.90 17.30 9.64
C TRP A 41 18.57 16.39 10.83
N ARG A 42 18.07 15.19 10.52
CA ARG A 42 17.65 14.29 11.59
C ARG A 42 18.80 13.74 12.31
N LEU A 43 19.82 13.37 11.56
CA LEU A 43 21.11 13.07 12.08
C LEU A 43 22.07 14.17 11.63
N GLU A 44 22.83 14.71 12.57
CA GLU A 44 23.79 15.77 12.29
C GLU A 44 24.76 15.48 11.13
N GLU A 45 25.27 14.27 11.07
CA GLU A 45 26.20 13.84 10.01
C GLU A 45 25.68 13.96 8.58
N PHE A 46 24.37 13.94 8.39
CA PHE A 46 23.84 14.15 7.05
C PHE A 46 24.23 15.49 6.45
N GLY A 47 24.34 16.54 7.29
CA GLY A 47 24.77 17.87 6.88
C GLY A 47 26.22 17.89 6.37
N ARG A 48 27.04 16.89 6.67
CA ARG A 48 28.40 16.75 6.07
C ARG A 48 28.35 16.27 4.62
N PHE A 49 27.25 15.63 4.23
CA PHE A 49 27.15 14.98 2.90
C PHE A 49 26.31 15.78 1.88
N ALA A 50 25.30 16.49 2.33
CA ALA A 50 24.32 17.13 1.44
C ALA A 50 23.95 18.52 2.00
N SER A 51 23.52 19.44 1.14
CA SER A 51 22.80 20.64 1.64
C SER A 51 21.28 20.68 1.19
N PHE A 52 20.55 21.64 1.77
CA PHE A 52 19.20 21.99 1.40
C PHE A 52 18.94 23.45 1.67
N GLU A 53 18.51 24.15 0.61
CA GLU A 53 18.11 25.52 0.74
C GLU A 53 16.65 25.63 1.20
N ALA A 54 16.48 26.06 2.45
CA ALA A 54 15.21 26.16 3.11
C ALA A 54 14.24 27.10 2.44
N GLN A 55 14.78 28.08 1.70
CA GLN A 55 13.90 29.10 1.05
C GLN A 55 12.79 28.47 0.16
N GLY A 56 13.15 27.46 -0.61
CA GLY A 56 12.22 26.75 -1.47
C GLY A 56 11.09 26.06 -0.71
N ALA A 57 11.41 25.50 0.45
CA ALA A 57 10.43 24.87 1.26
C ALA A 57 9.48 25.95 1.81
N LEU A 58 10.02 27.11 2.21
CA LEU A 58 9.13 28.17 2.70
C LEU A 58 8.18 28.65 1.60
N ALA A 59 8.70 28.77 0.40
CA ALA A 59 7.88 29.16 -0.75
C ALA A 59 6.70 28.13 -1.00
N ASN A 60 7.01 26.84 -0.89
CA ASN A 60 6.01 25.76 -0.97
C ASN A 60 4.97 25.83 0.14
N ILE A 61 5.39 26.13 1.37
CA ILE A 61 4.43 26.28 2.49
C ILE A 61 3.47 27.41 2.22
N ALA A 62 3.93 28.50 1.63
CA ALA A 62 3.00 29.58 1.27
C ALA A 62 1.90 29.14 0.23
N VAL A 63 2.31 28.35 -0.77
CA VAL A 63 1.38 27.80 -1.79
C VAL A 63 0.44 26.84 -1.11
N ASP A 64 0.99 25.95 -0.28
CA ASP A 64 0.14 25.03 0.47
C ASP A 64 -0.95 25.70 1.32
N LYS A 65 -0.62 26.81 1.98
CA LYS A 65 -1.57 27.54 2.71
C LYS A 65 -2.69 28.10 1.83
N ALA A 66 -2.30 28.74 0.75
CA ALA A 66 -3.29 29.24 -0.20
C ALA A 66 -4.17 28.10 -0.73
N ASN A 67 -3.53 26.99 -1.12
CA ASN A 67 -4.30 25.86 -1.61
C ASN A 67 -5.26 25.26 -0.57
N LEU A 68 -4.84 25.20 0.69
CA LEU A 68 -5.71 24.76 1.73
C LEU A 68 -6.97 25.61 1.76
N GLU A 69 -6.78 26.93 1.61
CA GLU A 69 -7.92 27.84 1.62
C GLU A 69 -8.88 27.63 0.45
N ILE A 70 -8.32 27.37 -0.72
CA ILE A 70 -9.17 27.08 -1.87
C ILE A 70 -9.96 25.79 -1.61
N MET A 71 -9.28 24.74 -1.21
CA MET A 71 -9.91 23.45 -1.00
C MET A 71 -10.95 23.42 0.09
N THR A 72 -10.67 24.13 1.20
CA THR A 72 -11.57 24.27 2.28
C THR A 72 -12.89 24.80 1.70
N LYS A 73 -12.81 25.85 0.90
CA LYS A 73 -14.01 26.44 0.33
C LYS A 73 -14.67 25.48 -0.70
N ARG A 74 -13.88 24.90 -1.57
CA ARG A 74 -14.37 24.03 -2.62
C ARG A 74 -15.11 22.81 -2.02
N SER A 75 -14.65 22.31 -0.86
CA SER A 75 -15.30 21.20 -0.18
C SER A 75 -16.58 21.54 0.62
N ASN A 76 -17.03 22.80 0.55
CA ASN A 76 -18.03 23.36 1.40
C ASN A 76 -17.71 23.27 2.84
N TYR A 77 -16.47 23.61 3.16
CA TYR A 77 -15.95 23.70 4.51
C TYR A 77 -16.10 22.38 5.26
N THR A 78 -15.81 21.29 4.56
CA THR A 78 -15.77 19.97 5.22
C THR A 78 -14.53 19.88 6.13
N PRO A 79 -14.73 19.71 7.44
CA PRO A 79 -13.58 19.53 8.33
C PRO A 79 -13.08 18.09 8.39
N ILE A 80 -11.87 17.96 8.89
CA ILE A 80 -11.25 16.66 9.07
C ILE A 80 -11.98 15.87 10.17
N THR A 81 -12.05 14.57 9.98
CA THR A 81 -12.51 13.67 11.02
C THR A 81 -11.30 13.22 11.86
N ASN A 82 -11.39 13.35 13.19
CA ASN A 82 -10.30 13.01 14.08
C ASN A 82 -10.11 11.51 14.10
N VAL A 83 -8.87 11.06 13.99
CA VAL A 83 -8.55 9.68 14.19
C VAL A 83 -7.56 9.63 15.37
N PRO A 84 -7.96 9.02 16.52
CA PRO A 84 -7.12 8.98 17.71
C PRO A 84 -5.93 8.05 17.51
N PRO A 85 -4.84 8.29 18.27
CA PRO A 85 -3.62 7.57 18.06
C PRO A 85 -3.61 6.25 18.79
N GLU A 86 -2.81 5.35 18.29
CA GLU A 86 -2.36 4.18 18.97
C GLU A 86 -1.00 4.57 19.61
N VAL A 87 -0.82 4.23 20.89
CA VAL A 87 0.37 4.57 21.64
C VAL A 87 1.03 3.30 22.21
N THR A 88 2.34 3.20 22.01
CA THR A 88 3.16 2.12 22.60
C THR A 88 4.40 2.75 23.26
N VAL A 89 4.76 2.26 24.42
CA VAL A 89 5.99 2.68 25.11
C VAL A 89 6.96 1.54 25.13
N LEU A 90 8.20 1.80 24.73
CA LEU A 90 9.20 0.78 24.80
C LEU A 90 10.55 1.38 25.01
N THR A 91 11.55 0.55 25.08
CA THR A 91 12.92 1.01 25.23
C THR A 91 13.75 0.71 24.02
N ASN A 92 14.83 1.48 23.93
CA ASN A 92 15.94 1.29 22.98
C ASN A 92 16.60 0.03 22.85
N SER A 93 16.88 -0.48 24.04
CA SER A 93 17.75 -1.62 24.27
C SER A 93 17.18 -2.32 25.45
N PRO A 94 17.61 -3.58 25.67
CA PRO A 94 17.24 -4.34 26.85
C PRO A 94 17.58 -3.61 28.12
N VAL A 95 16.66 -3.69 29.08
CA VAL A 95 16.70 -2.86 30.27
C VAL A 95 17.56 -3.59 31.32
N GLU A 96 18.52 -2.87 31.89
CA GLU A 96 19.34 -3.36 33.02
C GLU A 96 19.39 -2.23 34.07
N LEU A 97 19.28 -2.59 35.34
CA LEU A 97 19.37 -1.65 36.45
C LEU A 97 20.55 -0.74 36.28
N ARG A 98 20.27 0.56 36.39
CA ARG A 98 21.27 1.59 36.38
C ARG A 98 22.11 1.74 35.13
N GLU A 99 21.71 1.11 34.02
CA GLU A 99 22.38 1.32 32.72
C GLU A 99 21.58 2.27 31.89
N PRO A 100 22.21 3.36 31.39
CA PRO A 100 21.50 4.35 30.53
C PRO A 100 20.66 3.75 29.42
N ASN A 101 19.43 4.15 29.32
CA ASN A 101 18.59 3.61 28.32
C ASN A 101 17.66 4.77 27.84
N VAL A 102 16.82 4.52 26.86
CA VAL A 102 15.89 5.49 26.41
C VAL A 102 14.52 4.86 26.24
N LEU A 103 13.55 5.47 26.91
CA LEU A 103 12.15 5.24 26.73
C LEU A 103 11.66 5.97 25.48
N ILE A 104 10.88 5.23 24.66
CA ILE A 104 10.30 5.71 23.44
C ILE A 104 8.77 5.62 23.64
N CYS A 105 8.11 6.75 23.45
CA CYS A 105 6.69 6.84 23.24
C CYS A 105 6.41 6.97 21.71
N PHE A 106 5.84 5.92 21.22
CA PHE A 106 5.53 5.79 19.84
C PHE A 106 4.03 6.07 19.64
N ILE A 107 3.72 7.14 18.86
CA ILE A 107 2.39 7.62 18.69
C ILE A 107 2.09 7.51 17.19
N ASP A 108 1.04 6.77 16.86
CA ASP A 108 0.84 6.27 15.48
C ASP A 108 -0.60 6.33 15.09
N LYS A 109 -0.85 6.40 13.79
CA LYS A 109 -2.15 6.34 13.20
C LYS A 109 -3.17 7.41 13.64
N PHE A 110 -2.78 8.67 13.56
CA PHE A 110 -3.61 9.71 14.02
C PHE A 110 -3.67 10.88 13.05
N THR A 111 -4.72 11.69 13.16
CA THR A 111 -4.81 12.92 12.45
C THR A 111 -5.93 13.65 13.12
N PRO A 112 -5.94 15.00 13.08
CA PRO A 112 -4.90 15.83 12.46
C PRO A 112 -3.62 15.82 13.25
N PRO A 113 -2.53 16.45 12.69
CA PRO A 113 -1.20 16.39 13.32
C PRO A 113 -1.01 17.45 14.44
N VAL A 114 -1.77 17.30 15.50
CA VAL A 114 -1.70 18.08 16.78
C VAL A 114 -1.86 17.02 17.89
N VAL A 115 -0.89 16.92 18.79
CA VAL A 115 -0.96 15.98 19.91
C VAL A 115 -0.20 16.59 21.11
N ASN A 116 -0.71 16.35 22.32
CA ASN A 116 -0.08 16.84 23.53
C ASN A 116 0.46 15.62 24.25
N VAL A 117 1.77 15.62 24.49
CA VAL A 117 2.49 14.49 25.04
C VAL A 117 3.30 14.94 26.25
N THR A 118 3.12 14.23 27.36
CA THR A 118 3.92 14.46 28.60
C THR A 118 4.54 13.18 29.14
N TRP A 119 5.84 13.23 29.41
CA TRP A 119 6.44 12.14 30.18
C TRP A 119 6.19 12.35 31.69
N LEU A 120 5.69 11.31 32.38
CA LEU A 120 5.55 11.32 33.85
C LEU A 120 6.43 10.25 34.48
N ARG A 121 7.20 10.61 35.50
CA ARG A 121 7.89 9.61 36.37
C ARG A 121 7.17 9.64 37.72
N ASN A 122 6.60 8.51 38.13
CA ASN A 122 5.81 8.42 39.35
C ASN A 122 4.70 9.46 39.47
N GLY A 123 4.04 9.74 38.35
CA GLY A 123 2.96 10.69 38.31
C GLY A 123 3.31 12.15 38.05
N LYS A 124 4.59 12.51 38.07
CA LYS A 124 5.07 13.90 37.95
C LYS A 124 5.74 14.15 36.60
N PRO A 125 5.50 15.33 35.98
CA PRO A 125 6.10 15.68 34.68
C PRO A 125 7.60 15.76 34.70
N VAL A 126 8.21 15.16 33.69
CA VAL A 126 9.66 15.26 33.50
C VAL A 126 10.00 15.94 32.17
N THR A 127 10.88 16.94 32.24
CA THR A 127 11.44 17.63 31.06
C THR A 127 12.92 17.34 30.81
N THR A 128 13.62 16.80 31.78
CA THR A 128 15.04 16.62 31.68
C THR A 128 15.40 15.68 30.55
N GLY A 129 16.15 16.18 29.58
CA GLY A 129 16.61 15.35 28.49
C GLY A 129 15.55 14.86 27.51
N VAL A 130 14.31 15.34 27.54
CA VAL A 130 13.32 14.89 26.54
C VAL A 130 13.51 15.52 25.19
N SER A 131 13.14 14.77 24.15
CA SER A 131 13.14 15.29 22.80
C SER A 131 12.05 14.55 22.02
N GLU A 132 11.76 15.03 20.81
CA GLU A 132 10.69 14.51 20.02
C GLU A 132 10.95 14.77 18.54
N THR A 133 10.33 13.96 17.66
CA THR A 133 10.41 14.13 16.21
C THR A 133 9.32 15.04 15.75
N VAL A 134 9.51 15.56 14.55
CA VAL A 134 8.33 16.09 13.84
C VAL A 134 7.32 14.98 13.42
N PHE A 135 6.22 15.39 12.78
CA PHE A 135 5.20 14.41 12.31
C PHE A 135 5.71 13.69 11.04
N LEU A 136 5.68 12.35 11.07
CA LEU A 136 6.10 11.56 9.91
C LEU A 136 4.87 11.03 9.18
N PRO A 137 4.91 11.05 7.87
CA PRO A 137 3.75 10.67 7.08
C PRO A 137 3.59 9.15 7.00
N ARG A 138 2.32 8.72 6.88
CA ARG A 138 1.97 7.31 6.64
C ARG A 138 1.31 7.25 5.30
N GLU A 139 1.31 6.04 4.75
CA GLU A 139 0.69 5.76 3.48
C GLU A 139 -0.82 5.96 3.50
N ASP A 140 -1.48 5.84 4.66
CA ASP A 140 -2.94 6.10 4.79
C ASP A 140 -3.25 7.59 5.06
N HIS A 141 -2.21 8.43 5.00
CA HIS A 141 -2.27 9.86 5.17
C HIS A 141 -2.58 10.33 6.57
N LEU A 142 -2.44 9.40 7.57
CA LEU A 142 -2.37 9.68 8.99
C LEU A 142 -0.86 9.95 9.34
N PHE A 143 -0.60 10.20 10.63
CA PHE A 143 0.71 10.56 11.10
C PHE A 143 1.28 9.62 12.15
N ARG A 144 2.61 9.62 12.23
N ARG A 144 2.62 9.62 12.22
CA ARG A 144 3.44 8.88 13.18
CA ARG A 144 3.47 8.87 13.15
C ARG A 144 4.37 9.95 13.87
C ARG A 144 4.36 9.96 13.87
N LYS A 145 4.69 9.74 15.14
CA LYS A 145 5.53 10.63 15.94
C LYS A 145 6.26 9.83 17.04
N PHE A 146 7.50 10.24 17.38
CA PHE A 146 8.29 9.70 18.45
C PHE A 146 8.66 10.79 19.53
N HIS A 147 8.53 10.39 20.79
CA HIS A 147 8.99 11.16 21.94
C HIS A 147 9.96 10.21 22.73
N TYR A 148 11.00 10.79 23.30
CA TYR A 148 12.13 10.08 23.86
C TYR A 148 12.42 10.64 25.21
N LEU A 149 12.81 9.76 26.11
CA LEU A 149 13.23 10.07 27.52
C LEU A 149 14.39 9.18 27.95
N PRO A 150 15.63 9.72 27.94
CA PRO A 150 16.81 9.07 28.53
C PRO A 150 16.55 8.81 30.00
N PHE A 151 16.92 7.65 30.50
CA PHE A 151 16.63 7.29 31.88
C PHE A 151 17.56 6.24 32.41
N LEU A 152 17.60 6.17 33.74
CA LEU A 152 18.37 5.19 34.48
C LEU A 152 17.36 4.22 35.03
N PRO A 153 17.33 3.00 34.54
CA PRO A 153 16.36 2.03 35.09
C PRO A 153 16.57 1.77 36.56
N SER A 154 15.47 1.78 37.33
CA SER A 154 15.50 1.37 38.70
C SER A 154 14.18 0.74 39.13
N THR A 155 14.21 0.07 40.28
CA THR A 155 13.00 -0.46 40.88
C THR A 155 12.16 0.60 41.64
N GLU A 156 12.67 1.81 41.83
CA GLU A 156 11.90 2.88 42.50
C GLU A 156 10.96 3.72 41.61
N ASP A 157 11.15 3.72 40.29
CA ASP A 157 10.44 4.64 39.38
C ASP A 157 9.60 3.88 38.42
N VAL A 158 8.36 4.28 38.27
CA VAL A 158 7.52 3.87 37.13
C VAL A 158 7.31 5.04 36.17
N TYR A 159 7.00 4.76 34.90
CA TYR A 159 6.80 5.82 33.90
C TYR A 159 5.50 5.72 33.18
N ASP A 160 5.05 6.86 32.65
CA ASP A 160 3.87 6.93 31.85
C ASP A 160 4.16 7.93 30.71
N CYS A 161 3.69 7.59 29.48
CA CYS A 161 3.57 8.52 28.41
C CYS A 161 2.11 8.95 28.42
N ARG A 162 1.84 10.23 28.63
CA ARG A 162 0.47 10.74 28.60
C ARG A 162 0.19 11.47 27.29
N VAL A 163 -0.76 10.98 26.50
CA VAL A 163 -1.10 11.53 25.15
C VAL A 163 -2.55 12.00 25.15
N GLU A 164 -2.76 13.27 24.73
CA GLU A 164 -4.07 13.80 24.51
C GLU A 164 -4.18 14.18 23.03
N HIS A 165 -5.37 14.00 22.49
CA HIS A 165 -5.62 14.21 21.09
C HIS A 165 -7.14 14.37 20.97
N TRP A 166 -7.59 15.12 19.99
CA TRP A 166 -8.99 15.38 19.79
C TRP A 166 -9.88 14.16 19.58
N GLY A 167 -9.37 13.16 18.89
CA GLY A 167 -10.03 11.88 18.75
C GLY A 167 -10.23 11.01 19.99
N LEU A 168 -9.63 11.37 21.11
CA LEU A 168 -9.72 10.56 22.34
C LEU A 168 -10.73 11.17 23.24
N ASP A 169 -11.43 10.37 24.04
CA ASP A 169 -12.38 10.89 25.04
C ASP A 169 -11.71 11.41 26.29
N GLU A 170 -10.55 10.89 26.60
CA GLU A 170 -9.82 11.22 27.82
C GLU A 170 -8.35 10.96 27.53
N PRO A 171 -7.46 11.52 28.36
CA PRO A 171 -6.02 11.35 28.07
C PRO A 171 -5.67 9.88 28.08
N LEU A 172 -4.71 9.50 27.26
CA LEU A 172 -4.30 8.14 27.12
C LEU A 172 -2.95 7.97 27.83
N LEU A 173 -2.89 7.02 28.75
CA LEU A 173 -1.75 6.88 29.66
C LEU A 173 -1.14 5.52 29.40
N LYS A 174 0.08 5.49 28.87
CA LYS A 174 0.77 4.22 28.67
C LYS A 174 1.86 4.07 29.66
N HIS A 175 1.82 2.96 30.38
CA HIS A 175 2.59 2.71 31.57
C HIS A 175 3.80 1.90 31.24
N TRP A 176 4.89 2.17 31.90
CA TRP A 176 6.08 1.30 31.77
C TRP A 176 6.70 1.09 33.13
N GLU A 177 7.14 -0.15 33.43
CA GLU A 177 7.80 -0.53 34.75
C GLU A 177 8.99 -1.45 34.55
N PHE A 178 9.98 -1.36 35.40
CA PHE A 178 11.06 -2.33 35.29
C PHE A 178 10.61 -3.84 35.16
N MET B 1 -7.95 19.46 24.31
CA MET B 1 -7.30 20.79 24.29
C MET B 1 -8.44 21.72 23.92
N GLY B 2 -8.86 22.58 24.88
CA GLY B 2 -10.21 23.24 24.95
C GLY B 2 -10.77 23.91 23.69
N ASP B 3 -9.83 24.35 22.85
CA ASP B 3 -10.04 24.68 21.42
C ASP B 3 -10.51 23.52 20.57
N THR B 4 -11.81 23.43 20.28
CA THR B 4 -12.35 22.34 19.51
C THR B 4 -12.94 22.86 18.21
N ARG B 5 -12.38 23.92 17.66
CA ARG B 5 -12.82 24.39 16.40
C ARG B 5 -12.48 23.34 15.35
N PRO B 6 -13.26 23.25 14.26
CA PRO B 6 -12.97 22.36 13.11
C PRO B 6 -11.56 22.65 12.48
N ARG B 7 -10.86 21.58 12.14
CA ARG B 7 -9.54 21.62 11.52
C ARG B 7 -9.73 21.26 10.08
N PHE B 8 -8.94 21.87 9.21
CA PHE B 8 -8.88 21.69 7.79
C PHE B 8 -7.42 21.47 7.48
N LEU B 9 -7.10 20.38 6.77
CA LEU B 9 -5.71 19.97 6.57
C LEU B 9 -5.40 19.78 5.10
N TRP B 10 -4.26 20.28 4.64
CA TRP B 10 -3.76 19.98 3.30
C TRP B 10 -2.42 19.34 3.40
N GLN B 11 -2.23 18.27 2.61
CA GLN B 11 -0.97 17.64 2.41
C GLN B 11 -0.56 17.51 1.00
N LEU B 12 0.73 17.52 0.78
CA LEU B 12 1.28 17.23 -0.50
C LEU B 12 2.36 16.19 -0.31
N LYS B 13 2.38 15.19 -1.20
CA LYS B 13 3.39 14.16 -1.17
C LYS B 13 4.01 13.90 -2.54
N PHE B 14 5.32 14.11 -2.67
CA PHE B 14 6.05 13.80 -3.86
C PHE B 14 6.92 12.61 -3.59
N GLU B 15 6.56 11.49 -4.21
CA GLU B 15 7.23 10.18 -3.95
C GLU B 15 8.05 9.71 -5.11
N CYS B 16 9.33 9.54 -4.88
CA CYS B 16 10.19 8.93 -5.88
C CYS B 16 10.44 7.47 -5.53
N HIS B 17 10.02 6.56 -6.39
CA HIS B 17 10.10 5.10 -6.19
C HIS B 17 11.15 4.58 -7.07
N PHE B 18 12.13 3.87 -6.49
CA PHE B 18 13.29 3.40 -7.16
C PHE B 18 13.38 1.85 -7.19
N PHE B 19 13.56 1.28 -8.35
CA PHE B 19 13.69 -0.17 -8.50
C PHE B 19 15.04 -0.42 -9.16
N ASN B 20 15.90 -1.20 -8.50
CA ASN B 20 17.23 -1.58 -9.03
C ASN B 20 18.18 -0.36 -9.28
N GLY B 21 18.51 0.29 -8.18
CA GLY B 21 19.13 1.59 -8.17
C GLY B 21 18.18 2.64 -8.75
N THR B 22 18.65 3.41 -9.75
CA THR B 22 17.86 4.28 -10.56
C THR B 22 17.53 3.78 -11.99
N GLU B 23 17.73 2.53 -12.24
CA GLU B 23 17.34 1.97 -13.53
C GLU B 23 15.85 2.16 -13.86
N ARG B 24 14.93 1.93 -12.91
CA ARG B 24 13.53 2.21 -13.10
C ARG B 24 13.07 3.13 -11.99
N VAL B 25 12.48 4.25 -12.39
CA VAL B 25 12.09 5.29 -11.47
C VAL B 25 10.70 5.76 -11.78
N ARG B 26 9.91 5.93 -10.75
CA ARG B 26 8.54 6.33 -10.92
C ARG B 26 8.24 7.38 -9.87
N LEU B 27 7.84 8.56 -10.36
CA LEU B 27 7.34 9.70 -9.57
C LEU B 27 5.79 9.72 -9.42
N LEU B 28 5.32 9.86 -8.18
CA LEU B 28 3.95 10.00 -7.85
C LEU B 28 3.75 11.23 -7.03
N GLU B 29 2.91 12.15 -7.49
CA GLU B 29 2.63 13.32 -6.70
C GLU B 29 1.18 13.14 -6.24
N ARG B 30 0.89 13.45 -4.99
CA ARG B 30 -0.42 13.39 -4.44
C ARG B 30 -0.78 14.63 -3.68
N CYS B 31 -2.01 15.12 -3.91
CA CYS B 31 -2.58 16.21 -3.13
C CYS B 31 -3.69 15.57 -2.23
N ILE B 32 -3.62 15.76 -0.92
CA ILE B 32 -4.54 15.20 0.00
C ILE B 32 -5.23 16.29 0.82
N TYR B 33 -6.54 16.26 0.81
CA TYR B 33 -7.33 17.15 1.62
C TYR B 33 -7.95 16.33 2.76
N ASN B 34 -7.70 16.75 4.02
CA ASN B 34 -8.10 16.02 5.20
C ASN B 34 -7.44 14.64 5.14
N GLN B 35 -8.17 13.58 4.81
CA GLN B 35 -7.54 12.25 4.73
C GLN B 35 -7.75 11.64 3.36
N GLU B 36 -8.13 12.45 2.42
CA GLU B 36 -8.57 11.96 1.14
C GLU B 36 -7.67 12.52 -0.02
N GLU B 37 -7.03 11.65 -0.75
CA GLU B 37 -6.31 12.08 -1.94
C GLU B 37 -7.29 12.62 -2.98
N SER B 38 -7.03 13.81 -3.52
CA SER B 38 -7.90 14.51 -4.55
C SER B 38 -7.34 14.46 -5.99
N VAL B 39 -6.06 14.60 -6.17
CA VAL B 39 -5.47 14.56 -7.46
C VAL B 39 -4.10 13.98 -7.39
N ARG B 40 -3.74 13.33 -8.47
CA ARG B 40 -2.47 12.62 -8.61
C ARG B 40 -1.77 12.81 -9.93
N PHE B 41 -0.45 12.92 -9.88
CA PHE B 41 0.40 12.78 -11.02
C PHE B 41 1.19 11.50 -10.90
N ASP B 42 1.17 10.68 -11.93
CA ASP B 42 2.00 9.50 -11.98
C ASP B 42 2.83 9.53 -13.25
N SER B 43 4.14 9.43 -13.11
CA SER B 43 5.02 9.55 -14.22
C SER B 43 4.80 8.40 -15.30
N ASP B 44 4.23 7.25 -14.93
CA ASP B 44 3.74 6.28 -15.91
C ASP B 44 2.64 6.73 -16.80
N VAL B 45 1.95 7.75 -16.39
CA VAL B 45 0.85 8.31 -17.18
C VAL B 45 1.33 9.63 -17.86
N GLY B 46 1.97 10.52 -17.09
CA GLY B 46 2.49 11.81 -17.56
C GLY B 46 1.43 12.90 -17.67
N GLU B 47 0.26 12.73 -17.09
CA GLU B 47 -0.70 13.81 -16.86
C GLU B 47 -1.34 13.58 -15.48
N TYR B 48 -1.98 14.67 -14.98
CA TYR B 48 -2.69 14.65 -13.74
C TYR B 48 -4.02 13.90 -13.97
N ARG B 49 -4.45 13.23 -12.94
CA ARG B 49 -5.77 12.64 -12.88
C ARG B 49 -6.43 12.98 -11.58
N ALA B 50 -7.69 13.28 -11.67
CA ALA B 50 -8.49 13.42 -10.49
C ALA B 50 -8.71 12.07 -9.78
N VAL B 51 -8.47 12.02 -8.46
CA VAL B 51 -8.75 10.83 -7.67
C VAL B 51 -10.21 10.90 -7.17
N THR B 52 -10.69 12.08 -6.79
CA THR B 52 -12.07 12.32 -6.40
C THR B 52 -12.54 13.52 -7.20
N GLU B 53 -13.86 13.72 -7.19
CA GLU B 53 -14.51 14.84 -7.85
C GLU B 53 -13.86 16.19 -7.51
N LEU B 54 -13.48 16.41 -6.27
CA LEU B 54 -12.93 17.68 -5.83
C LEU B 54 -11.63 18.05 -6.53
N GLY B 55 -10.89 17.04 -7.01
CA GLY B 55 -9.67 17.21 -7.76
C GLY B 55 -9.77 17.53 -9.23
N ARG B 56 -10.97 17.38 -9.80
N ARG B 56 -10.97 17.38 -9.80
CA ARG B 56 -11.18 17.54 -11.25
CA ARG B 56 -11.19 17.54 -11.24
C ARG B 56 -10.75 18.92 -11.81
C ARG B 56 -10.75 18.92 -11.81
N PRO B 57 -11.13 20.03 -11.11
CA PRO B 57 -10.69 21.37 -11.58
C PRO B 57 -9.15 21.53 -11.65
N ASP B 58 -8.47 20.88 -10.72
CA ASP B 58 -7.02 21.00 -10.66
C ASP B 58 -6.35 20.24 -11.73
N ALA B 59 -6.85 19.01 -11.94
CA ALA B 59 -6.38 18.17 -13.05
C ALA B 59 -6.53 18.89 -14.41
N GLU B 60 -7.67 19.46 -14.63
CA GLU B 60 -7.97 20.17 -15.88
C GLU B 60 -7.09 21.38 -16.10
N TYR B 61 -6.96 22.18 -15.07
CA TYR B 61 -6.07 23.36 -15.10
C TYR B 61 -4.63 23.00 -15.39
N TRP B 62 -4.09 22.05 -14.62
CA TRP B 62 -2.71 21.73 -14.80
C TRP B 62 -2.42 21.05 -16.16
N ASN B 63 -3.32 20.16 -16.60
CA ASN B 63 -3.10 19.44 -17.80
C ASN B 63 -3.23 20.36 -19.06
N SER B 64 -3.89 21.53 -18.92
CA SER B 64 -3.94 22.53 -19.95
C SER B 64 -2.57 23.22 -20.24
N GLN B 65 -1.62 23.10 -19.36
CA GLN B 65 -0.32 23.78 -19.41
C GLN B 65 0.78 22.77 -19.76
N LYS B 66 1.07 22.61 -21.04
CA LYS B 66 1.97 21.55 -21.48
C LYS B 66 3.39 21.85 -21.10
N ASP B 67 3.69 23.13 -20.98
CA ASP B 67 4.99 23.55 -20.43
C ASP B 67 5.19 23.05 -18.98
N LEU B 68 4.12 23.08 -18.23
CA LEU B 68 4.15 22.58 -16.84
C LEU B 68 4.29 21.04 -16.76
N LEU B 69 3.51 20.36 -17.58
CA LEU B 69 3.53 18.91 -17.67
C LEU B 69 4.89 18.43 -18.06
N GLU B 70 5.50 19.10 -18.99
CA GLU B 70 6.83 18.70 -19.46
C GLU B 70 7.86 18.69 -18.34
N GLN B 71 7.73 19.66 -17.46
CA GLN B 71 8.65 19.79 -16.33
C GLN B 71 8.43 18.68 -15.33
N ARG B 72 7.16 18.32 -15.09
CA ARG B 72 6.87 17.24 -14.14
C ARG B 72 7.35 15.91 -14.70
N ARG B 73 7.15 15.68 -15.98
CA ARG B 73 7.62 14.48 -16.65
C ARG B 73 9.17 14.40 -16.57
N ALA B 74 9.85 15.56 -16.67
CA ALA B 74 11.32 15.57 -16.55
C ALA B 74 11.80 15.35 -15.16
N ALA B 75 10.89 15.50 -14.16
CA ALA B 75 11.36 15.42 -12.75
C ALA B 75 11.88 14.05 -12.39
N VAL B 76 11.51 13.01 -13.12
CA VAL B 76 12.06 11.69 -12.82
C VAL B 76 13.58 11.76 -12.92
N ASP B 77 14.09 12.64 -13.80
CA ASP B 77 15.53 12.90 -13.82
C ASP B 77 16.01 14.04 -12.95
N THR B 78 15.33 15.17 -13.06
CA THR B 78 15.84 16.41 -12.43
C THR B 78 15.59 16.42 -10.90
N TYR B 79 14.72 15.52 -10.42
CA TYR B 79 14.33 15.52 -9.00
C TYR B 79 14.62 14.11 -8.40
N CYS B 80 13.90 13.06 -8.82
CA CYS B 80 14.15 11.70 -8.30
C CYS B 80 15.62 11.21 -8.50
N ARG B 81 16.10 11.09 -9.73
CA ARG B 81 17.48 10.59 -9.92
C ARG B 81 18.51 11.53 -9.31
N HIS B 82 18.24 12.84 -9.39
CA HIS B 82 19.16 13.81 -8.80
C HIS B 82 19.27 13.59 -7.29
N ASN B 83 18.16 13.58 -6.58
CA ASN B 83 18.18 13.34 -5.12
C ASN B 83 18.75 11.97 -4.66
N TYR B 84 18.46 10.94 -5.43
CA TYR B 84 19.07 9.66 -5.15
C TYR B 84 20.56 9.78 -5.18
N GLY B 85 21.10 10.50 -6.18
CA GLY B 85 22.55 10.61 -6.37
C GLY B 85 23.12 11.39 -5.22
N VAL B 86 22.40 12.39 -4.72
CA VAL B 86 22.91 13.15 -3.62
C VAL B 86 22.89 12.29 -2.34
N GLY B 87 21.81 11.58 -2.13
CA GLY B 87 21.53 10.95 -0.82
C GLY B 87 22.02 9.53 -0.61
N GLU B 88 22.46 8.92 -1.68
CA GLU B 88 22.78 7.49 -1.72
C GLU B 88 23.73 7.00 -0.68
N SER B 89 24.83 7.70 -0.53
CA SER B 89 25.84 7.27 0.33
C SER B 89 25.40 7.17 1.78
N PHE B 90 24.47 7.99 2.23
CA PHE B 90 24.14 8.03 3.67
C PHE B 90 22.71 7.50 3.96
N THR B 91 22.03 6.94 2.92
CA THR B 91 20.66 6.42 3.02
C THR B 91 20.67 4.94 2.51
N VAL B 92 20.66 4.81 1.20
CA VAL B 92 20.83 3.55 0.52
C VAL B 92 22.00 2.76 0.99
N GLN B 93 23.14 3.39 1.21
CA GLN B 93 24.34 2.67 1.60
C GLN B 93 24.61 2.68 3.07
N ARG B 94 23.73 3.24 3.88
CA ARG B 94 23.91 3.20 5.34
C ARG B 94 23.89 1.69 5.92
N ARG B 95 24.85 1.36 6.79
CA ARG B 95 24.96 0.07 7.39
C ARG B 95 25.36 0.29 8.87
N VAL B 96 24.51 -0.20 9.78
CA VAL B 96 24.82 -0.18 11.20
C VAL B 96 24.56 -1.55 11.74
N GLU B 97 25.56 -2.10 12.34
CA GLU B 97 25.54 -3.49 12.79
C GLU B 97 24.60 -3.74 13.99
N PRO B 98 23.91 -4.88 14.01
CA PRO B 98 23.03 -5.12 15.19
C PRO B 98 23.83 -5.49 16.41
N LYS B 99 23.40 -5.01 17.57
CA LYS B 99 23.77 -5.58 18.88
C LYS B 99 22.82 -6.77 19.21
N VAL B 100 23.37 -7.97 19.49
CA VAL B 100 22.58 -9.14 19.75
C VAL B 100 22.82 -9.58 21.19
N THR B 101 21.80 -9.64 22.04
CA THR B 101 21.86 -10.23 23.40
C THR B 101 20.68 -11.21 23.59
N VAL B 102 20.90 -12.22 24.42
CA VAL B 102 19.97 -13.25 24.72
C VAL B 102 19.78 -13.26 26.19
N TYR B 103 18.52 -13.25 26.60
CA TYR B 103 18.22 -13.42 27.96
C TYR B 103 16.95 -14.35 28.06
N PRO B 104 16.84 -15.06 29.19
CA PRO B 104 15.69 -15.87 29.49
C PRO B 104 14.55 -15.07 30.07
N SER B 105 13.35 -15.57 29.85
CA SER B 105 12.16 -14.93 30.40
C SER B 105 11.12 -16.03 30.66
N LYS B 106 9.95 -15.61 31.03
CA LYS B 106 8.93 -16.52 31.53
C LYS B 106 7.60 -16.13 30.90
N THR B 107 6.82 -17.11 30.50
CA THR B 107 5.48 -16.76 29.99
C THR B 107 4.54 -16.20 31.12
N GLN B 108 4.78 -16.57 32.38
CA GLN B 108 4.01 -16.08 33.52
C GLN B 108 4.89 -16.35 34.70
N PRO B 109 4.51 -15.92 35.91
CA PRO B 109 5.41 -16.30 37.03
C PRO B 109 5.59 -17.86 37.15
N LEU B 110 6.85 -18.30 37.19
CA LEU B 110 7.26 -19.70 37.15
C LEU B 110 8.56 -19.79 37.87
N GLN B 111 8.86 -20.99 38.35
CA GLN B 111 10.12 -21.26 39.01
C GLN B 111 11.24 -21.30 37.96
N HIS B 112 10.97 -21.80 36.75
CA HIS B 112 11.98 -21.93 35.74
C HIS B 112 11.61 -21.04 34.57
N HIS B 113 12.64 -20.62 33.86
CA HIS B 113 12.49 -19.83 32.63
C HIS B 113 12.01 -20.78 31.55
N ASN B 114 11.05 -20.34 30.76
CA ASN B 114 10.54 -21.14 29.65
C ASN B 114 10.48 -20.35 28.34
N LEU B 115 11.13 -19.18 28.30
CA LEU B 115 11.32 -18.31 27.15
C LEU B 115 12.79 -17.90 27.00
N LEU B 116 13.31 -17.98 25.78
CA LEU B 116 14.60 -17.40 25.43
C LEU B 116 14.35 -16.27 24.47
N VAL B 117 14.76 -15.07 24.88
CA VAL B 117 14.54 -13.90 24.11
C VAL B 117 15.83 -13.51 23.39
N CYS B 118 15.77 -13.43 22.07
CA CYS B 118 16.83 -12.90 21.24
C CYS B 118 16.54 -11.46 20.84
N SER B 119 17.27 -10.54 21.50
CA SER B 119 17.14 -9.10 21.27
C SER B 119 18.15 -8.63 20.25
N VAL B 120 17.67 -8.02 19.17
CA VAL B 120 18.49 -7.56 18.10
C VAL B 120 18.16 -6.09 17.91
N SER B 121 19.09 -5.20 18.23
CA SER B 121 18.80 -3.81 18.35
C SER B 121 19.86 -2.94 17.73
N GLY B 122 19.45 -1.74 17.43
CA GLY B 122 20.39 -0.73 16.85
C GLY B 122 20.89 -0.90 15.45
N PHE B 123 20.12 -1.58 14.62
CA PHE B 123 20.58 -1.90 13.27
C PHE B 123 19.88 -1.07 12.13
N TYR B 124 20.52 -1.10 10.99
CA TYR B 124 20.07 -0.40 9.76
C TYR B 124 20.78 -1.01 8.60
N PRO B 125 20.12 -1.29 7.51
CA PRO B 125 18.68 -1.16 7.31
C PRO B 125 17.82 -2.19 8.03
N GLY B 126 16.49 -2.07 7.82
CA GLY B 126 15.53 -2.91 8.51
C GLY B 126 15.50 -4.38 8.05
N SER B 127 16.06 -4.69 6.91
CA SER B 127 16.08 -6.03 6.44
C SER B 127 16.92 -6.97 7.30
N ILE B 128 16.29 -7.95 7.95
CA ILE B 128 17.04 -8.84 8.87
C ILE B 128 16.42 -10.24 8.93
N GLU B 129 17.24 -11.26 9.23
CA GLU B 129 16.71 -12.63 9.44
C GLU B 129 17.22 -13.08 10.79
N VAL B 130 16.33 -13.57 11.64
CA VAL B 130 16.70 -13.98 13.03
C VAL B 130 16.24 -15.40 13.19
N ARG B 131 17.15 -16.35 13.45
CA ARG B 131 16.78 -17.76 13.64
C ARG B 131 17.25 -18.33 15.02
N TRP B 132 16.43 -19.23 15.57
CA TRP B 132 16.73 -19.94 16.78
C TRP B 132 17.16 -21.38 16.44
N PHE B 133 18.19 -21.84 17.14
CA PHE B 133 18.73 -23.20 16.98
C PHE B 133 18.83 -23.82 18.35
N ARG B 134 18.52 -25.11 18.42
CA ARG B 134 18.84 -25.91 19.61
C ARG B 134 19.81 -27.07 19.27
N ASN B 135 20.96 -27.11 19.95
CA ASN B 135 22.09 -27.98 19.63
C ASN B 135 22.36 -28.08 18.13
N GLY B 136 22.47 -26.93 17.46
CA GLY B 136 22.75 -26.91 16.04
C GLY B 136 21.61 -27.23 15.07
N GLN B 137 20.38 -27.45 15.56
CA GLN B 137 19.19 -27.71 14.71
C GLN B 137 18.20 -26.56 14.81
N GLU B 138 17.73 -26.06 13.68
CA GLU B 138 16.83 -24.93 13.68
C GLU B 138 15.49 -25.28 14.31
N GLU B 139 15.07 -24.43 15.26
CA GLU B 139 13.73 -24.47 15.90
C GLU B 139 12.75 -23.59 15.17
N LYS B 140 11.66 -24.14 14.72
CA LYS B 140 10.62 -23.35 14.10
C LYS B 140 9.34 -23.28 14.95
N ALA B 141 9.09 -24.29 15.80
CA ALA B 141 7.96 -24.29 16.75
C ALA B 141 8.24 -23.38 17.92
N GLY B 142 7.17 -22.73 18.40
CA GLY B 142 7.16 -22.02 19.61
C GLY B 142 7.84 -20.68 19.56
N VAL B 143 7.85 -19.98 18.41
CA VAL B 143 8.57 -18.80 18.16
C VAL B 143 7.58 -17.64 17.84
N VAL B 144 7.71 -16.53 18.57
CA VAL B 144 6.94 -15.33 18.33
C VAL B 144 7.86 -14.13 18.34
N SER B 145 7.43 -13.04 17.68
CA SER B 145 8.25 -11.88 17.56
C SER B 145 7.43 -10.63 17.67
N THR B 146 8.14 -9.53 17.95
CA THR B 146 7.61 -8.20 17.87
C THR B 146 7.38 -7.84 16.48
N GLY B 147 8.05 -8.47 15.54
CA GLY B 147 8.33 -7.89 14.26
C GLY B 147 9.29 -6.73 14.30
N LEU B 148 9.44 -6.11 13.14
CA LEU B 148 10.42 -5.06 12.96
C LEU B 148 9.90 -3.76 13.63
N ILE B 149 10.67 -3.16 14.52
CA ILE B 149 10.32 -1.93 15.24
C ILE B 149 11.20 -0.81 14.71
N GLN B 150 10.61 0.27 14.17
CA GLN B 150 11.33 1.48 13.81
C GLN B 150 11.55 2.31 15.08
N ASN B 151 12.80 2.73 15.37
CA ASN B 151 13.04 3.57 16.53
C ASN B 151 12.85 5.08 16.29
N GLY B 152 12.82 5.54 15.04
CA GLY B 152 12.65 6.95 14.75
C GLY B 152 13.95 7.67 14.52
N ASP B 153 15.06 6.98 14.76
CA ASP B 153 16.39 7.60 14.73
C ASP B 153 17.33 6.86 13.75
N TRP B 154 16.74 6.28 12.68
CA TRP B 154 17.43 5.49 11.71
C TRP B 154 18.08 4.22 12.31
N THR B 155 17.49 3.71 13.38
CA THR B 155 17.74 2.32 13.84
C THR B 155 16.42 1.54 13.97
N PHE B 156 16.56 0.25 13.92
CA PHE B 156 15.51 -0.67 14.13
C PHE B 156 15.92 -1.62 15.24
N GLN B 157 14.93 -2.23 15.84
CA GLN B 157 15.11 -3.39 16.70
C GLN B 157 14.06 -4.46 16.44
N THR B 158 14.30 -5.68 16.95
CA THR B 158 13.31 -6.66 17.06
C THR B 158 13.62 -7.59 18.26
N LEU B 159 12.60 -8.24 18.80
CA LEU B 159 12.76 -9.36 19.70
C LEU B 159 12.14 -10.60 19.10
N VAL B 160 12.86 -11.72 19.19
CA VAL B 160 12.43 -13.01 18.67
C VAL B 160 12.56 -14.00 19.82
N MET B 161 11.39 -14.53 20.24
CA MET B 161 11.20 -15.31 21.45
C MET B 161 10.89 -16.73 21.16
N LEU B 162 11.53 -17.62 21.93
CA LEU B 162 11.42 -19.04 21.71
C LEU B 162 10.85 -19.62 23.01
N GLU B 163 9.66 -20.19 22.94
CA GLU B 163 9.11 -20.90 24.12
C GLU B 163 9.66 -22.32 24.14
N THR B 164 10.23 -22.71 25.25
CA THR B 164 10.95 -24.02 25.28
C THR B 164 11.03 -24.46 26.73
N VAL B 165 11.32 -25.73 26.92
CA VAL B 165 11.64 -26.33 28.18
C VAL B 165 13.14 -26.75 28.15
N PRO B 166 14.04 -25.91 28.69
CA PRO B 166 15.48 -26.18 28.60
C PRO B 166 15.82 -27.37 29.46
N ARG B 167 16.82 -28.12 29.04
CA ARG B 167 17.38 -29.23 29.79
C ARG B 167 18.87 -28.91 29.89
N SER B 168 19.47 -29.13 31.07
CA SER B 168 20.88 -28.75 31.23
C SER B 168 21.77 -29.54 30.28
N GLY B 169 22.86 -28.89 29.89
CA GLY B 169 23.68 -29.34 28.79
C GLY B 169 23.25 -28.83 27.42
N GLU B 170 22.01 -28.34 27.27
CA GLU B 170 21.54 -27.90 25.95
C GLU B 170 22.12 -26.57 25.65
N VAL B 171 22.45 -26.36 24.37
CA VAL B 171 22.92 -25.04 23.94
C VAL B 171 21.96 -24.48 22.86
N TYR B 172 21.42 -23.33 23.16
CA TYR B 172 20.52 -22.64 22.21
C TYR B 172 21.33 -21.53 21.53
N THR B 173 21.16 -21.34 20.23
CA THR B 173 21.84 -20.26 19.52
C THR B 173 20.83 -19.36 18.77
N CYS B 174 20.96 -18.05 18.94
CA CYS B 174 20.26 -17.03 18.18
C CYS B 174 21.18 -16.64 17.02
N GLN B 175 20.76 -16.79 15.78
CA GLN B 175 21.59 -16.48 14.63
C GLN B 175 20.98 -15.34 13.82
N VAL B 176 21.77 -14.32 13.53
CA VAL B 176 21.28 -13.12 12.83
C VAL B 176 22.06 -12.84 11.51
N GLU B 177 21.38 -12.73 10.37
CA GLU B 177 22.02 -12.32 9.10
C GLU B 177 21.39 -10.93 8.76
N HIS B 178 22.28 -10.02 8.43
CA HIS B 178 21.96 -8.58 8.13
C HIS B 178 22.99 -8.08 7.15
N PRO B 179 22.63 -7.13 6.26
CA PRO B 179 23.54 -6.74 5.20
C PRO B 179 24.84 -6.12 5.71
N SER B 180 24.83 -5.63 6.94
CA SER B 180 26.00 -5.04 7.56
C SER B 180 27.10 -5.99 7.86
N VAL B 181 26.87 -7.30 7.79
CA VAL B 181 27.88 -8.32 8.11
C VAL B 181 27.95 -9.40 7.03
N THR B 182 29.15 -9.93 6.78
CA THR B 182 29.36 -10.90 5.73
C THR B 182 29.23 -12.34 6.18
N SER B 183 29.16 -12.58 7.49
CA SER B 183 28.76 -13.89 8.02
C SER B 183 27.89 -13.72 9.26
N PRO B 184 27.20 -14.83 9.67
CA PRO B 184 26.12 -14.61 10.66
C PRO B 184 26.65 -14.19 12.02
N LEU B 185 25.91 -13.36 12.74
CA LEU B 185 26.17 -13.13 14.13
C LEU B 185 25.46 -14.24 14.90
N THR B 186 26.07 -14.74 15.97
CA THR B 186 25.47 -15.82 16.79
C THR B 186 25.68 -15.53 18.26
N VAL B 187 24.68 -15.79 19.10
CA VAL B 187 24.87 -15.72 20.55
C VAL B 187 24.34 -16.99 21.11
N GLU B 188 25.11 -17.59 22.01
CA GLU B 188 24.85 -18.96 22.51
C GLU B 188 24.30 -18.83 23.90
N TRP B 189 23.41 -19.70 24.27
CA TRP B 189 22.87 -19.75 25.62
C TRP B 189 22.89 -21.18 26.09
N ARG B 190 23.57 -21.46 27.22
CA ARG B 190 23.59 -22.85 27.79
C ARG B 190 22.63 -22.93 28.99
N ALA B 191 21.73 -23.93 28.98
CA ALA B 191 20.71 -24.06 30.04
C ALA B 191 21.21 -24.93 31.23
N ALA C 1 27.85 27.07 1.13
CA ALA C 1 27.21 25.71 1.15
C ALA C 1 27.95 24.63 0.31
N ARG C 2 29.17 24.14 0.69
CA ARG C 2 30.00 23.25 -0.20
C ARG C 2 29.32 21.92 -0.75
N ARG C 3 28.25 21.42 -0.12
CA ARG C 3 27.83 20.01 -0.34
C ARG C 3 26.69 19.93 -1.34
N PRO C 4 26.65 18.87 -2.13
CA PRO C 4 25.66 18.82 -3.16
C PRO C 4 24.21 18.98 -2.65
N PRO C 5 23.39 19.75 -3.34
CA PRO C 5 22.09 20.09 -2.73
C PRO C 5 21.00 19.03 -3.06
N LEU C 6 20.19 18.65 -2.08
CA LEU C 6 18.84 18.03 -2.35
C LEU C 6 17.95 19.11 -2.95
N ALA C 7 17.22 18.76 -4.01
CA ALA C 7 16.32 19.63 -4.69
C ALA C 7 14.82 19.32 -4.32
N GLU C 8 14.05 20.31 -3.94
CA GLU C 8 12.57 20.12 -3.74
C GLU C 8 11.88 20.27 -5.08
N LEU C 9 10.69 19.67 -5.20
CA LEU C 9 9.80 19.93 -6.29
C LEU C 9 8.85 20.98 -5.83
N ALA C 10 8.54 21.93 -6.69
CA ALA C 10 7.76 22.99 -6.27
C ALA C 10 6.23 22.62 -6.23
N ALA C 11 5.49 23.25 -5.31
CA ALA C 11 4.08 23.13 -5.19
C ALA C 11 3.44 24.01 -6.23
N LEU C 12 2.35 23.53 -6.82
CA LEU C 12 1.58 24.21 -7.85
C LEU C 12 0.36 24.80 -7.19
N ASN C 13 -0.06 25.94 -7.70
CA ASN C 13 -1.32 26.55 -7.28
C ASN C 13 -2.53 25.79 -7.87
N LEU C 14 -3.56 25.58 -7.07
CA LEU C 14 -4.82 25.00 -7.52
C LEU C 14 -5.57 25.95 -8.34
N SER C 15 -6.47 25.41 -9.17
CA SER C 15 -7.49 26.15 -9.87
C SER C 15 -8.30 26.99 -8.85
N GLY C 16 -8.67 28.21 -9.21
CA GLY C 16 -9.35 29.15 -8.33
C GLY C 16 -8.48 30.17 -7.53
N SER C 17 -7.15 30.22 -7.69
CA SER C 17 -6.27 31.21 -6.95
C SER C 17 -5.90 32.53 -7.69
N ARG C 18 -4.96 33.27 -7.04
CA ARG C 18 -3.92 34.14 -7.67
C ARG C 18 -2.44 33.92 -7.00
N LEU C 19 -2.21 34.36 -5.75
CA LEU C 19 -0.87 34.26 -5.05
C LEU C 19 -0.63 32.84 -4.40
N LYS D 1 10.81 -6.30 -1.16
CA LYS D 1 11.25 -6.14 -2.60
C LYS D 1 10.54 -7.25 -3.43
N GLU D 2 9.20 -7.20 -3.37
CA GLU D 2 8.25 -8.34 -3.53
C GLU D 2 7.94 -8.80 -4.95
N GLU D 3 7.85 -10.10 -5.18
CA GLU D 3 7.71 -10.64 -6.50
C GLU D 3 6.27 -11.12 -6.76
N HIS D 4 5.63 -11.87 -5.85
CA HIS D 4 4.25 -12.33 -6.09
C HIS D 4 3.39 -12.37 -4.87
N VAL D 5 2.07 -12.28 -5.04
CA VAL D 5 1.12 -12.45 -3.97
C VAL D 5 -0.04 -13.38 -4.44
N ILE D 6 -0.42 -14.36 -3.62
CA ILE D 6 -1.66 -15.12 -3.79
C ILE D 6 -2.60 -14.72 -2.67
N ILE D 7 -3.84 -14.35 -3.00
CA ILE D 7 -4.83 -13.93 -2.01
C ILE D 7 -6.06 -14.78 -2.12
N GLN D 8 -6.48 -15.34 -0.99
CA GLN D 8 -7.79 -15.98 -0.85
C GLN D 8 -8.68 -14.91 -0.27
N ALA D 9 -9.74 -14.58 -0.99
CA ALA D 9 -10.63 -13.51 -0.58
C ALA D 9 -12.05 -13.93 -0.55
N GLU D 10 -12.70 -13.62 0.55
CA GLU D 10 -14.10 -14.02 0.79
C GLU D 10 -14.87 -12.83 1.23
N PHE D 11 -16.15 -12.80 0.89
CA PHE D 11 -17.06 -11.90 1.55
C PHE D 11 -18.41 -12.53 1.76
N TYR D 12 -19.10 -11.97 2.75
CA TYR D 12 -20.49 -12.22 2.96
C TYR D 12 -21.15 -10.87 3.31
N LEU D 13 -22.32 -10.66 2.70
CA LEU D 13 -23.11 -9.42 2.80
C LEU D 13 -24.57 -9.69 3.21
N ASN D 14 -25.00 -9.00 4.26
CA ASN D 14 -26.39 -8.91 4.69
C ASN D 14 -26.94 -7.51 4.44
N PRO D 15 -28.27 -7.40 4.25
CA PRO D 15 -29.22 -8.52 4.24
C PRO D 15 -29.33 -9.25 2.91
N ASP D 16 -28.48 -8.96 1.92
CA ASP D 16 -28.60 -9.68 0.62
C ASP D 16 -28.38 -11.16 0.69
N GLN D 17 -27.67 -11.63 1.71
CA GLN D 17 -27.24 -13.05 1.78
C GLN D 17 -26.43 -13.46 0.55
N SER D 18 -25.50 -12.58 0.18
CA SER D 18 -24.68 -12.92 -0.94
C SER D 18 -23.24 -13.11 -0.47
N GLY D 19 -22.56 -14.03 -1.12
CA GLY D 19 -21.23 -14.43 -0.72
C GLY D 19 -20.37 -14.63 -1.90
N GLU D 20 -19.07 -14.56 -1.66
CA GLU D 20 -18.10 -14.86 -2.71
C GLU D 20 -16.90 -15.53 -2.08
N PHE D 21 -16.26 -16.41 -2.84
CA PHE D 21 -15.02 -16.99 -2.43
C PHE D 21 -14.17 -17.07 -3.66
N MET D 22 -12.95 -16.53 -3.63
CA MET D 22 -12.06 -16.57 -4.80
C MET D 22 -10.58 -16.60 -4.43
N PHE D 23 -9.74 -17.02 -5.34
CA PHE D 23 -8.29 -16.81 -5.28
C PHE D 23 -7.86 -15.78 -6.34
N ASP D 24 -6.87 -14.95 -5.99
CA ASP D 24 -6.34 -13.85 -6.78
C ASP D 24 -4.79 -14.07 -6.85
N PHE D 25 -4.20 -13.96 -8.04
CA PHE D 25 -2.73 -14.00 -8.19
C PHE D 25 -2.31 -12.68 -8.85
N ASP D 26 -1.56 -11.86 -8.11
CA ASP D 26 -1.05 -10.58 -8.58
C ASP D 26 -2.15 -9.73 -9.20
N GLY D 27 -3.37 -9.75 -8.63
CA GLY D 27 -4.47 -8.97 -9.15
C GLY D 27 -5.43 -9.59 -10.17
N ASP D 28 -5.09 -10.78 -10.69
CA ASP D 28 -6.01 -11.54 -11.57
C ASP D 28 -6.66 -12.71 -10.82
N GLU D 29 -7.86 -13.08 -11.23
CA GLU D 29 -8.58 -14.17 -10.61
C GLU D 29 -8.08 -15.51 -11.12
N ILE D 30 -7.72 -16.40 -10.20
CA ILE D 30 -7.46 -17.80 -10.56
C ILE D 30 -8.81 -18.54 -10.73
N PHE D 31 -9.63 -18.52 -9.70
CA PHE D 31 -10.94 -19.14 -9.73
C PHE D 31 -11.84 -18.52 -8.68
N HIS D 32 -13.13 -18.78 -8.85
CA HIS D 32 -14.09 -18.53 -7.79
C HIS D 32 -15.02 -19.73 -7.64
N VAL D 33 -15.73 -19.79 -6.56
CA VAL D 33 -16.68 -20.87 -6.34
C VAL D 33 -18.08 -20.39 -6.64
N ASP D 34 -18.75 -21.05 -7.58
CA ASP D 34 -20.15 -20.68 -7.87
C ASP D 34 -21.00 -21.14 -6.69
N MET D 35 -21.63 -20.21 -5.97
CA MET D 35 -22.37 -20.58 -4.75
C MET D 35 -23.61 -21.42 -5.08
N ALA D 36 -24.35 -21.06 -6.13
CA ALA D 36 -25.56 -21.80 -6.45
C ALA D 36 -25.28 -23.22 -6.96
N LYS D 37 -24.28 -23.42 -7.83
CA LYS D 37 -23.91 -24.76 -8.31
C LYS D 37 -22.92 -25.52 -7.42
N LYS D 38 -22.31 -24.84 -6.43
CA LYS D 38 -21.37 -25.46 -5.51
C LYS D 38 -20.20 -26.06 -6.27
N GLU D 39 -19.63 -25.26 -7.15
CA GLU D 39 -18.67 -25.69 -8.17
C GLU D 39 -17.49 -24.70 -8.32
N THR D 40 -16.30 -25.21 -8.56
CA THR D 40 -15.12 -24.38 -8.90
C THR D 40 -15.15 -23.86 -10.38
N VAL D 41 -15.07 -22.53 -10.54
CA VAL D 41 -15.13 -21.90 -11.88
C VAL D 41 -13.78 -21.23 -12.14
N TRP D 42 -12.99 -21.85 -13.02
CA TRP D 42 -11.67 -21.36 -13.30
C TRP D 42 -11.82 -20.13 -14.23
N ARG D 43 -10.98 -19.13 -14.03
CA ARG D 43 -11.08 -17.88 -14.82
C ARG D 43 -10.70 -18.12 -16.26
N LEU D 44 -9.61 -18.86 -16.44
CA LEU D 44 -9.27 -19.42 -17.71
C LEU D 44 -9.46 -20.95 -17.64
N GLU D 45 -10.18 -21.50 -18.61
CA GLU D 45 -10.43 -22.92 -18.73
C GLU D 45 -9.21 -23.80 -18.54
N GLU D 46 -8.12 -23.44 -19.20
CA GLU D 46 -6.88 -24.20 -19.10
C GLU D 46 -6.29 -24.42 -17.69
N PHE D 47 -6.61 -23.54 -16.74
CA PHE D 47 -6.13 -23.72 -15.39
C PHE D 47 -6.64 -25.05 -14.80
N GLY D 48 -7.86 -25.45 -15.12
CA GLY D 48 -8.43 -26.75 -14.74
C GLY D 48 -7.68 -27.96 -15.26
N ARG D 49 -6.83 -27.82 -16.28
CA ARG D 49 -5.87 -28.86 -16.69
C ARG D 49 -4.69 -29.06 -15.75
N PHE D 50 -4.34 -28.05 -14.97
CA PHE D 50 -3.12 -28.05 -14.16
C PHE D 50 -3.35 -28.28 -12.67
N ALA D 51 -4.53 -27.94 -12.17
CA ALA D 51 -4.78 -27.91 -10.75
C ALA D 51 -6.23 -28.26 -10.50
N SER D 52 -6.54 -28.70 -9.28
CA SER D 52 -7.94 -28.82 -8.82
C SER D 52 -8.20 -27.97 -7.57
N PHE D 53 -9.48 -27.86 -7.25
CA PHE D 53 -9.92 -27.27 -6.04
C PHE D 53 -11.23 -27.93 -5.66
N GLU D 54 -11.28 -28.41 -4.42
CA GLU D 54 -12.50 -28.91 -3.80
C GLU D 54 -13.35 -27.78 -3.20
N ALA D 55 -14.47 -27.52 -3.85
CA ALA D 55 -15.39 -26.44 -3.49
C ALA D 55 -15.99 -26.55 -2.09
N GLN D 56 -16.07 -27.76 -1.55
CA GLN D 56 -16.66 -27.98 -0.22
C GLN D 56 -16.05 -27.12 0.93
N GLY D 57 -14.73 -27.00 0.94
CA GLY D 57 -14.03 -26.23 1.94
C GLY D 57 -14.37 -24.75 1.86
N ALA D 58 -14.56 -24.25 0.63
CA ALA D 58 -14.97 -22.86 0.45
C ALA D 58 -16.38 -22.69 1.00
N LEU D 59 -17.25 -23.67 0.78
CA LEU D 59 -18.62 -23.52 1.29
C LEU D 59 -18.61 -23.51 2.80
N ALA D 60 -17.79 -24.36 3.41
CA ALA D 60 -17.69 -24.39 4.85
C ALA D 60 -17.24 -23.01 5.39
N ASN D 61 -16.26 -22.40 4.73
CA ASN D 61 -15.78 -21.03 5.07
C ASN D 61 -16.89 -19.98 4.94
N ILE D 62 -17.67 -20.01 3.86
CA ILE D 62 -18.76 -19.06 3.68
C ILE D 62 -19.75 -19.15 4.84
N ALA D 63 -19.98 -20.37 5.34
CA ALA D 63 -20.89 -20.51 6.51
C ALA D 63 -20.34 -19.83 7.80
N VAL D 64 -19.03 -19.94 8.01
CA VAL D 64 -18.34 -19.25 9.12
C VAL D 64 -18.41 -17.73 8.87
N ASP D 65 -18.10 -17.29 7.65
CA ASP D 65 -18.14 -15.89 7.33
C ASP D 65 -19.51 -15.28 7.67
N LYS D 66 -20.58 -16.00 7.36
CA LYS D 66 -21.93 -15.51 7.67
C LYS D 66 -22.17 -15.37 9.15
N ALA D 67 -21.81 -16.40 9.90
CA ALA D 67 -21.91 -16.35 11.33
C ALA D 67 -21.07 -15.21 11.91
N ASN D 68 -19.83 -15.07 11.45
CA ASN D 68 -18.99 -13.98 11.91
C ASN D 68 -19.58 -12.60 11.59
N LEU D 69 -20.12 -12.45 10.39
CA LEU D 69 -20.77 -11.15 10.02
C LEU D 69 -21.84 -10.81 11.05
N GLU D 70 -22.62 -11.83 11.44
CA GLU D 70 -23.69 -11.61 12.39
C GLU D 70 -23.19 -11.18 13.77
N ILE D 71 -22.11 -11.80 14.20
CA ILE D 71 -21.54 -11.42 15.46
C ILE D 71 -21.07 -9.96 15.39
N MET D 72 -20.34 -9.63 14.33
CA MET D 72 -19.78 -8.29 14.21
C MET D 72 -20.82 -7.21 14.05
N THR D 73 -21.87 -7.52 13.28
CA THR D 73 -23.01 -6.64 13.09
C THR D 73 -23.54 -6.25 14.48
N LYS D 74 -23.74 -7.25 15.34
CA LYS D 74 -24.27 -7.01 16.68
C LYS D 74 -23.25 -6.28 17.56
N ARG D 75 -21.99 -6.72 17.52
CA ARG D 75 -20.92 -6.13 18.31
C ARG D 75 -20.77 -4.63 18.01
N SER D 76 -20.92 -4.24 16.74
CA SER D 76 -20.79 -2.85 16.32
C SER D 76 -22.01 -1.96 16.60
N ASN D 77 -23.02 -2.49 17.31
CA ASN D 77 -24.35 -1.89 17.44
C ASN D 77 -25.02 -1.57 16.13
N TYR D 78 -24.92 -2.52 15.22
CA TYR D 78 -25.54 -2.42 13.88
C TYR D 78 -25.05 -1.20 13.09
N THR D 79 -23.74 -0.98 13.09
CA THR D 79 -23.14 0.02 12.21
C THR D 79 -23.10 -0.49 10.78
N PRO D 80 -23.77 0.23 9.85
CA PRO D 80 -23.79 -0.23 8.47
C PRO D 80 -22.62 0.31 7.70
N ILE D 81 -22.41 -0.27 6.54
CA ILE D 81 -21.37 0.18 5.63
C ILE D 81 -21.72 1.54 5.04
N THR D 82 -20.71 2.35 4.78
CA THR D 82 -20.84 3.59 4.00
C THR D 82 -20.61 3.28 2.53
N ASN D 83 -21.54 3.69 1.68
CA ASN D 83 -21.47 3.41 0.25
C ASN D 83 -20.35 4.21 -0.40
N VAL D 84 -19.55 3.58 -1.24
CA VAL D 84 -18.53 4.27 -1.99
C VAL D 84 -18.85 3.99 -3.42
N PRO D 85 -19.14 5.05 -4.20
CA PRO D 85 -19.58 4.82 -5.57
C PRO D 85 -18.41 4.50 -6.45
N PRO D 86 -18.64 3.82 -7.60
CA PRO D 86 -17.58 3.41 -8.47
C PRO D 86 -17.08 4.44 -9.44
N GLU D 87 -15.85 4.26 -9.85
CA GLU D 87 -15.26 4.93 -10.95
C GLU D 87 -15.41 3.94 -12.12
N VAL D 88 -15.85 4.45 -13.26
CA VAL D 88 -16.14 3.64 -14.44
C VAL D 88 -15.35 4.12 -15.61
N THR D 89 -14.76 3.19 -16.34
CA THR D 89 -14.03 3.48 -17.58
C THR D 89 -14.42 2.49 -18.63
N VAL D 90 -14.63 2.95 -19.86
CA VAL D 90 -14.89 2.07 -21.02
C VAL D 90 -13.75 2.11 -21.96
N LEU D 91 -13.24 0.97 -22.37
CA LEU D 91 -12.23 0.93 -23.38
C LEU D 91 -12.32 -0.32 -24.21
N THR D 92 -11.38 -0.51 -25.11
CA THR D 92 -11.35 -1.71 -25.88
C THR D 92 -10.11 -2.51 -25.60
N ASN D 93 -10.18 -3.80 -25.92
CA ASN D 93 -9.02 -4.65 -25.68
C ASN D 93 -7.91 -4.58 -26.68
N SER D 94 -8.17 -4.03 -27.87
CA SER D 94 -7.16 -3.79 -28.91
C SER D 94 -7.57 -2.53 -29.68
N PRO D 95 -6.63 -1.98 -30.48
CA PRO D 95 -6.91 -0.80 -31.31
C PRO D 95 -8.05 -1.08 -32.24
N VAL D 96 -8.89 -0.08 -32.40
CA VAL D 96 -10.17 -0.21 -33.06
C VAL D 96 -9.99 -0.02 -34.56
N GLU D 97 -10.51 -0.97 -35.35
CA GLU D 97 -10.54 -0.84 -36.83
C GLU D 97 -11.94 -1.27 -37.29
N LEU D 98 -12.53 -0.52 -38.22
CA LEU D 98 -13.80 -0.86 -38.81
C LEU D 98 -13.91 -2.35 -39.13
N ARG D 99 -14.97 -2.95 -38.59
CA ARG D 99 -15.31 -4.33 -38.85
C ARG D 99 -14.35 -5.42 -38.38
N GLU D 100 -13.31 -5.08 -37.61
CA GLU D 100 -12.39 -6.07 -37.06
C GLU D 100 -12.85 -6.41 -35.67
N PRO D 101 -13.07 -7.70 -35.38
CA PRO D 101 -13.58 -8.11 -34.06
C PRO D 101 -12.83 -7.47 -32.90
N ASN D 102 -13.55 -6.95 -31.95
CA ASN D 102 -12.91 -6.34 -30.81
C ASN D 102 -13.75 -6.64 -29.59
N VAL D 103 -13.33 -6.16 -28.42
CA VAL D 103 -14.14 -6.27 -27.25
C VAL D 103 -14.14 -4.97 -26.48
N LEU D 104 -15.36 -4.52 -26.12
CA LEU D 104 -15.55 -3.41 -25.18
C LEU D 104 -15.46 -3.92 -23.77
N ILE D 105 -14.76 -3.14 -22.92
CA ILE D 105 -14.58 -3.42 -21.51
C ILE D 105 -15.14 -2.28 -20.73
N CYS D 106 -16.07 -2.61 -19.83
CA CYS D 106 -16.51 -1.68 -18.82
C CYS D 106 -15.83 -2.07 -17.52
N PHE D 107 -14.93 -1.20 -17.12
CA PHE D 107 -14.09 -1.36 -15.94
C PHE D 107 -14.68 -0.57 -14.80
N ILE D 108 -15.10 -1.26 -13.74
CA ILE D 108 -15.82 -0.69 -12.61
C ILE D 108 -14.97 -0.89 -11.39
N ASP D 109 -14.64 0.23 -10.71
CA ASP D 109 -13.56 0.20 -9.75
C ASP D 109 -13.90 1.05 -8.55
N LYS D 110 -13.29 0.73 -7.42
CA LYS D 110 -13.31 1.52 -6.19
C LYS D 110 -14.65 1.70 -5.55
N PHE D 111 -15.38 0.62 -5.38
CA PHE D 111 -16.73 0.72 -4.84
C PHE D 111 -16.99 -0.30 -3.77
N THR D 112 -17.99 0.00 -2.93
CA THR D 112 -18.49 -0.96 -1.96
C THR D 112 -19.85 -0.41 -1.53
N PRO D 113 -20.81 -1.25 -1.12
CA PRO D 113 -20.69 -2.73 -1.03
C PRO D 113 -20.71 -3.36 -2.41
N PRO D 114 -20.36 -4.66 -2.50
CA PRO D 114 -20.26 -5.34 -3.79
C PRO D 114 -21.63 -5.79 -4.34
N VAL D 115 -22.42 -4.79 -4.71
CA VAL D 115 -23.67 -4.92 -5.43
C VAL D 115 -23.68 -3.77 -6.45
N VAL D 116 -23.78 -4.12 -7.72
CA VAL D 116 -23.79 -3.13 -8.78
C VAL D 116 -24.67 -3.62 -9.93
N ASN D 117 -25.34 -2.69 -10.62
CA ASN D 117 -26.16 -3.03 -11.78
C ASN D 117 -25.59 -2.38 -12.99
N VAL D 118 -25.27 -3.21 -13.97
CA VAL D 118 -24.54 -2.85 -15.15
C VAL D 118 -25.29 -3.29 -16.40
N THR D 119 -25.44 -2.35 -17.35
CA THR D 119 -26.07 -2.64 -18.63
C THR D 119 -25.26 -2.07 -19.78
N TRP D 120 -24.98 -2.89 -20.77
CA TRP D 120 -24.47 -2.41 -22.02
C TRP D 120 -25.66 -1.87 -22.87
N LEU D 121 -25.49 -0.67 -23.42
CA LEU D 121 -26.44 -0.06 -24.38
C LEU D 121 -25.76 0.20 -25.73
N ARG D 122 -26.34 -0.31 -26.82
CA ARG D 122 -25.93 0.06 -28.18
C ARG D 122 -27.01 0.99 -28.72
N ASN D 123 -26.65 2.22 -29.05
CA ASN D 123 -27.60 3.23 -29.51
C ASN D 123 -28.80 3.43 -28.59
N GLY D 124 -28.53 3.40 -27.29
CA GLY D 124 -29.57 3.59 -26.29
C GLY D 124 -30.33 2.36 -25.82
N LYS D 125 -30.18 1.21 -26.51
CA LYS D 125 -30.93 -0.01 -26.25
C LYS D 125 -30.07 -1.08 -25.55
N PRO D 126 -30.64 -1.81 -24.56
CA PRO D 126 -29.92 -2.90 -23.88
C PRO D 126 -29.46 -4.04 -24.75
N VAL D 127 -28.19 -4.41 -24.60
CA VAL D 127 -27.59 -5.51 -25.31
C VAL D 127 -27.30 -6.65 -24.35
N THR D 128 -27.76 -7.86 -24.70
CA THR D 128 -27.37 -9.11 -24.01
C THR D 128 -26.53 -10.10 -24.85
N THR D 129 -26.49 -9.91 -26.15
CA THR D 129 -25.81 -10.85 -27.04
C THR D 129 -24.30 -10.85 -26.78
N GLY D 130 -23.76 -12.01 -26.41
CA GLY D 130 -22.34 -12.16 -26.20
C GLY D 130 -21.77 -11.46 -24.98
N VAL D 131 -22.58 -10.85 -24.10
CA VAL D 131 -21.99 -10.21 -22.90
C VAL D 131 -21.53 -11.20 -21.84
N SER D 132 -20.48 -10.82 -21.10
CA SER D 132 -20.01 -11.58 -19.94
C SER D 132 -19.44 -10.64 -18.91
N GLU D 133 -19.16 -11.17 -17.71
CA GLU D 133 -18.72 -10.34 -16.60
C GLU D 133 -17.94 -11.19 -15.61
N THR D 134 -17.08 -10.56 -14.84
CA THR D 134 -16.32 -11.23 -13.78
C THR D 134 -17.08 -11.15 -12.49
N VAL D 135 -16.71 -12.00 -11.55
CA VAL D 135 -17.06 -11.70 -10.14
C VAL D 135 -16.35 -10.44 -9.58
N PHE D 136 -16.60 -10.13 -8.32
CA PHE D 136 -15.95 -8.99 -7.65
C PHE D 136 -14.50 -9.31 -7.26
N LEU D 137 -13.58 -8.45 -7.68
CA LEU D 137 -12.16 -8.65 -7.38
C LEU D 137 -11.78 -7.71 -6.22
N PRO D 138 -10.96 -8.19 -5.29
CA PRO D 138 -10.66 -7.39 -4.13
C PRO D 138 -9.58 -6.33 -4.42
N ARG D 139 -9.61 -5.25 -3.63
CA ARG D 139 -8.59 -4.20 -3.68
C ARG D 139 -8.00 -4.06 -2.30
N GLU D 140 -6.81 -3.51 -2.27
CA GLU D 140 -6.06 -3.32 -1.05
C GLU D 140 -6.70 -2.35 -0.07
N ASP D 141 -7.53 -1.44 -0.56
CA ASP D 141 -8.32 -0.55 0.30
C ASP D 141 -9.67 -1.15 0.71
N HIS D 142 -9.87 -2.44 0.39
CA HIS D 142 -11.04 -3.23 0.79
C HIS D 142 -12.33 -2.84 0.10
N LEU D 143 -12.18 -2.08 -1.00
CA LEU D 143 -13.22 -1.84 -2.00
C LEU D 143 -13.13 -2.97 -3.04
N PHE D 144 -13.95 -2.90 -4.07
CA PHE D 144 -13.98 -3.85 -5.14
C PHE D 144 -13.76 -3.29 -6.52
N ARG D 145 -13.40 -4.21 -7.44
CA ARG D 145 -13.19 -4.03 -8.86
C ARG D 145 -14.04 -5.10 -9.59
N LYS D 146 -14.52 -4.78 -10.81
CA LYS D 146 -15.37 -5.71 -11.62
C LYS D 146 -15.25 -5.36 -13.11
N PHE D 147 -15.26 -6.38 -13.98
CA PHE D 147 -15.17 -6.21 -15.43
C PHE D 147 -16.44 -6.77 -16.12
N HIS D 148 -16.95 -6.03 -17.09
CA HIS D 148 -18.02 -6.45 -18.02
C HIS D 148 -17.46 -6.27 -19.43
N TYR D 149 -17.85 -7.18 -20.31
CA TYR D 149 -17.27 -7.34 -21.60
C TYR D 149 -18.36 -7.47 -22.66
N LEU D 150 -18.09 -6.90 -23.83
CA LEU D 150 -19.01 -6.91 -24.97
C LEU D 150 -18.22 -7.04 -26.25
N PRO D 151 -18.12 -8.27 -26.81
CA PRO D 151 -17.61 -8.49 -28.18
C PRO D 151 -18.41 -7.66 -29.20
N PHE D 152 -17.73 -7.04 -30.14
CA PHE D 152 -18.40 -6.14 -31.11
C PHE D 152 -17.59 -5.96 -32.38
N LEU D 153 -18.31 -5.46 -33.39
CA LEU D 153 -17.76 -5.14 -34.68
C LEU D 153 -17.79 -3.64 -34.74
N PRO D 154 -16.62 -3.00 -34.69
CA PRO D 154 -16.64 -1.54 -34.77
C PRO D 154 -17.26 -1.04 -36.07
N SER D 155 -18.12 -0.03 -35.96
CA SER D 155 -18.68 0.65 -37.12
C SER D 155 -18.99 2.13 -36.85
N THR D 156 -19.23 2.88 -37.91
CA THR D 156 -19.68 4.24 -37.79
C THR D 156 -21.17 4.36 -37.45
N GLU D 157 -21.94 3.28 -37.51
CA GLU D 157 -23.39 3.32 -37.25
C GLU D 157 -23.81 3.19 -35.77
N ASP D 158 -22.94 2.64 -34.92
CA ASP D 158 -23.29 2.29 -33.54
C ASP D 158 -22.46 3.06 -32.53
N VAL D 159 -23.10 3.63 -31.54
CA VAL D 159 -22.42 4.18 -30.35
C VAL D 159 -22.72 3.25 -29.17
N TYR D 160 -21.87 3.27 -28.13
CA TYR D 160 -22.10 2.43 -26.95
C TYR D 160 -22.11 3.23 -25.65
N ASP D 161 -22.80 2.70 -24.66
CA ASP D 161 -22.74 3.20 -23.32
C ASP D 161 -22.66 2.00 -22.34
N CYS D 162 -21.88 2.14 -21.28
CA CYS D 162 -21.92 1.28 -20.11
C CYS D 162 -22.69 2.02 -19.06
N ARG D 163 -23.82 1.47 -18.65
CA ARG D 163 -24.61 2.12 -17.63
C ARG D 163 -24.45 1.42 -16.28
N VAL D 164 -24.03 2.16 -15.25
CA VAL D 164 -23.77 1.58 -13.93
C VAL D 164 -24.57 2.30 -12.85
N GLU D 165 -25.27 1.52 -12.05
CA GLU D 165 -26.01 2.02 -10.91
C GLU D 165 -25.48 1.35 -9.63
N HIS D 166 -25.49 2.12 -8.56
CA HIS D 166 -24.91 1.70 -7.33
C HIS D 166 -25.46 2.63 -6.28
N TRP D 167 -25.56 2.15 -5.06
CA TRP D 167 -26.14 2.91 -3.96
C TRP D 167 -25.44 4.23 -3.60
N GLY D 168 -24.13 4.27 -3.75
CA GLY D 168 -23.36 5.50 -3.63
C GLY D 168 -23.54 6.62 -4.66
N LEU D 169 -24.22 6.33 -5.75
CA LEU D 169 -24.42 7.29 -6.83
C LEU D 169 -25.78 7.97 -6.63
N ASP D 170 -25.92 9.21 -7.07
CA ASP D 170 -27.22 9.91 -7.09
C ASP D 170 -28.11 9.54 -8.28
N GLU D 171 -27.50 9.13 -9.37
CA GLU D 171 -28.22 8.78 -10.60
C GLU D 171 -27.37 7.77 -11.32
N PRO D 172 -27.93 7.09 -12.34
CA PRO D 172 -27.09 6.13 -13.09
C PRO D 172 -25.90 6.81 -13.73
N LEU D 173 -24.78 6.10 -13.84
CA LEU D 173 -23.57 6.63 -14.41
C LEU D 173 -23.38 6.02 -15.81
N LEU D 174 -23.25 6.89 -16.79
CA LEU D 174 -23.28 6.49 -18.19
C LEU D 174 -21.91 6.83 -18.76
N LYS D 175 -21.15 5.82 -19.18
CA LYS D 175 -19.91 6.04 -19.88
C LYS D 175 -20.04 5.68 -21.32
N HIS D 176 -19.70 6.66 -22.16
CA HIS D 176 -19.98 6.64 -23.58
C HIS D 176 -18.77 6.13 -24.33
N TRP D 177 -18.97 5.39 -25.42
CA TRP D 177 -17.87 5.09 -26.34
C TRP D 177 -18.35 5.28 -27.79
N GLU D 178 -17.49 5.85 -28.65
CA GLU D 178 -17.78 6.04 -30.11
C GLU D 178 -16.61 5.69 -30.98
N PHE D 179 -16.85 5.15 -32.18
CA PHE D 179 -15.79 4.99 -33.16
C PHE D 179 -15.36 6.38 -33.64
N ASP D 180 -14.04 6.67 -33.59
CA ASP D 180 -13.41 7.93 -34.03
C ASP D 180 -12.78 7.82 -35.43
N GLY E 2 -35.81 5.63 -1.11
CA GLY E 2 -36.59 5.68 0.17
C GLY E 2 -36.10 4.67 1.18
N ASP E 3 -36.83 3.54 1.30
CA ASP E 3 -36.56 2.44 2.26
C ASP E 3 -35.40 1.46 1.87
N THR E 4 -34.23 2.03 1.51
CA THR E 4 -33.09 1.21 1.07
C THR E 4 -32.31 0.77 2.32
N ARG E 5 -32.36 -0.52 2.62
CA ARG E 5 -31.97 -1.00 3.92
C ARG E 5 -30.44 -0.96 4.12
N PRO E 6 -30.01 -0.74 5.36
CA PRO E 6 -28.58 -0.75 5.68
C PRO E 6 -27.92 -2.10 5.32
N ARG E 7 -26.68 -2.01 4.83
CA ARG E 7 -25.86 -3.18 4.49
C ARG E 7 -24.78 -3.36 5.54
N PHE E 8 -24.39 -4.63 5.74
CA PHE E 8 -23.37 -5.09 6.67
C PHE E 8 -22.51 -6.12 5.91
N LEU E 9 -21.20 -5.85 5.82
CA LEU E 9 -20.28 -6.60 4.99
C LEU E 9 -19.09 -7.15 5.79
N TRP E 10 -18.73 -8.40 5.56
CA TRP E 10 -17.61 -9.05 6.21
C TRP E 10 -16.75 -9.58 5.12
N GLN E 11 -15.44 -9.28 5.23
CA GLN E 11 -14.45 -9.86 4.33
C GLN E 11 -13.33 -10.53 5.09
N LEU E 12 -12.77 -11.53 4.45
CA LEU E 12 -11.62 -12.18 4.99
C LEU E 12 -10.64 -12.20 3.84
N LYS E 13 -9.37 -11.88 4.15
CA LYS E 13 -8.28 -11.98 3.17
C LYS E 13 -7.04 -12.69 3.72
N PHE E 14 -6.62 -13.77 3.06
CA PHE E 14 -5.42 -14.47 3.37
C PHE E 14 -4.46 -14.25 2.26
N GLU E 15 -3.40 -13.49 2.55
CA GLU E 15 -2.42 -13.11 1.56
C GLU E 15 -1.08 -13.83 1.77
N CYS E 16 -0.65 -14.56 0.77
CA CYS E 16 0.69 -15.13 0.74
C CYS E 16 1.63 -14.27 -0.16
N HIS E 17 2.62 -13.64 0.46
CA HIS E 17 3.61 -12.78 -0.20
C HIS E 17 4.90 -13.56 -0.38
N PHE E 18 5.39 -13.61 -1.61
CA PHE E 18 6.56 -14.37 -1.99
C PHE E 18 7.70 -13.47 -2.48
N PHE E 19 8.88 -13.64 -1.90
CA PHE E 19 10.09 -12.90 -2.33
C PHE E 19 11.11 -13.95 -2.73
N ASN E 20 11.60 -13.87 -3.96
CA ASN E 20 12.68 -14.70 -4.50
C ASN E 20 12.26 -16.20 -4.55
N GLY E 21 11.26 -16.48 -5.38
CA GLY E 21 10.56 -17.75 -5.38
C GLY E 21 9.83 -17.91 -4.07
N THR E 22 10.03 -19.05 -3.39
CA THR E 22 9.53 -19.28 -2.04
C THR E 22 10.59 -19.19 -0.92
N GLU E 23 11.72 -18.59 -1.23
CA GLU E 23 12.78 -18.45 -0.27
C GLU E 23 12.36 -17.66 0.96
N ARG E 24 11.66 -16.55 0.77
CA ARG E 24 11.07 -15.82 1.88
C ARG E 24 9.55 -15.74 1.61
N VAL E 25 8.76 -16.08 2.62
CA VAL E 25 7.32 -16.11 2.50
C VAL E 25 6.73 -15.46 3.70
N ARG E 26 5.71 -14.65 3.47
CA ARG E 26 5.04 -13.98 4.56
C ARG E 26 3.53 -14.07 4.35
N LEU E 27 2.86 -14.60 5.37
CA LEU E 27 1.40 -14.75 5.45
C LEU E 27 0.79 -13.62 6.26
N LEU E 28 -0.21 -12.98 5.68
CA LEU E 28 -0.98 -11.94 6.35
C LEU E 28 -2.46 -12.33 6.27
N GLU E 29 -3.14 -12.40 7.41
CA GLU E 29 -4.57 -12.67 7.43
C GLU E 29 -5.24 -11.40 7.92
N ARG E 30 -6.30 -10.99 7.25
CA ARG E 30 -7.05 -9.81 7.63
C ARG E 30 -8.55 -10.13 7.69
N CYS E 31 -9.18 -9.65 8.75
CA CYS E 31 -10.64 -9.66 8.88
C CYS E 31 -11.08 -8.19 8.68
N ILE E 32 -12.03 -7.95 7.79
CA ILE E 32 -12.54 -6.61 7.51
C ILE E 32 -14.06 -6.56 7.70
N TYR E 33 -14.52 -5.66 8.58
CA TYR E 33 -15.93 -5.36 8.76
C TYR E 33 -16.29 -4.03 8.09
N ASN E 34 -17.23 -4.07 7.13
CA ASN E 34 -17.55 -2.95 6.25
C ASN E 34 -16.30 -2.54 5.48
N GLN E 35 -15.63 -1.44 5.83
CA GLN E 35 -14.40 -1.07 5.10
C GLN E 35 -13.23 -0.96 6.06
N GLU E 36 -13.37 -1.54 7.23
CA GLU E 36 -12.43 -1.37 8.29
C GLU E 36 -11.79 -2.73 8.75
N GLU E 37 -10.47 -2.88 8.58
CA GLU E 37 -9.75 -4.06 9.09
C GLU E 37 -9.82 -4.07 10.61
N SER E 38 -10.28 -5.19 11.18
CA SER E 38 -10.48 -5.32 12.68
C SER E 38 -9.38 -6.13 13.37
N VAL E 39 -8.90 -7.18 12.73
CA VAL E 39 -7.87 -8.02 13.31
C VAL E 39 -6.98 -8.53 12.19
N ARG E 40 -5.71 -8.70 12.54
CA ARG E 40 -4.72 -9.17 11.63
C ARG E 40 -3.77 -10.21 12.25
N PHE E 41 -3.39 -11.18 11.42
CA PHE E 41 -2.30 -12.07 11.70
C PHE E 41 -1.21 -11.80 10.72
N ASP E 42 0.00 -11.65 11.22
CA ASP E 42 1.19 -11.54 10.36
C ASP E 42 2.21 -12.60 10.78
N SER E 43 2.66 -13.40 9.85
CA SER E 43 3.59 -14.48 10.18
C SER E 43 4.96 -13.96 10.72
N ASP E 44 5.34 -12.72 10.44
CA ASP E 44 6.53 -12.13 11.13
C ASP E 44 6.36 -11.90 12.61
N VAL E 45 5.12 -11.80 13.05
CA VAL E 45 4.79 -11.61 14.46
C VAL E 45 4.43 -13.00 15.08
N GLY E 46 3.60 -13.78 14.40
CA GLY E 46 3.16 -15.07 14.85
C GLY E 46 2.05 -15.05 15.89
N GLU E 47 1.38 -13.92 16.08
CA GLU E 47 0.14 -13.87 16.84
C GLU E 47 -0.78 -12.90 16.15
N TYR E 48 -2.06 -12.95 16.52
CA TYR E 48 -3.06 -11.98 16.12
C TYR E 48 -2.90 -10.65 16.87
N ARG E 49 -3.18 -9.56 16.17
CA ARG E 49 -3.29 -8.24 16.77
C ARG E 49 -4.59 -7.57 16.33
N ALA E 50 -5.23 -6.94 17.28
CA ALA E 50 -6.35 -6.13 16.98
C ALA E 50 -5.90 -4.89 16.20
N VAL E 51 -6.55 -4.59 15.08
CA VAL E 51 -6.25 -3.37 14.29
C VAL E 51 -7.15 -2.23 14.79
N THR E 52 -8.39 -2.55 15.19
CA THR E 52 -9.27 -1.62 15.88
C THR E 52 -9.81 -2.28 17.14
N GLU E 53 -10.42 -1.47 18.01
CA GLU E 53 -11.09 -1.93 19.24
C GLU E 53 -12.09 -3.08 19.06
N LEU E 54 -12.84 -3.07 17.97
CA LEU E 54 -13.77 -4.12 17.73
C LEU E 54 -13.13 -5.49 17.55
N GLY E 55 -11.86 -5.55 17.12
CA GLY E 55 -11.10 -6.80 16.95
C GLY E 55 -10.47 -7.41 18.18
N ARG E 56 -10.44 -6.67 19.28
CA ARG E 56 -9.74 -7.04 20.51
C ARG E 56 -10.21 -8.38 21.10
N PRO E 57 -11.53 -8.59 21.27
CA PRO E 57 -12.00 -9.90 21.69
C PRO E 57 -11.54 -11.09 20.84
N ASP E 58 -11.44 -10.89 19.52
CA ASP E 58 -11.04 -11.99 18.63
C ASP E 58 -9.56 -12.31 18.73
N ALA E 59 -8.73 -11.26 18.77
CA ALA E 59 -7.29 -11.41 19.00
C ALA E 59 -7.00 -12.14 20.29
N GLU E 60 -7.67 -11.77 21.37
CA GLU E 60 -7.50 -12.40 22.69
C GLU E 60 -7.93 -13.86 22.67
N TYR E 61 -9.10 -14.14 22.11
CA TYR E 61 -9.61 -15.50 21.99
C TYR E 61 -8.66 -16.38 21.21
N TRP E 62 -8.27 -15.93 20.03
CA TRP E 62 -7.41 -16.77 19.18
C TRP E 62 -6.00 -16.94 19.74
N ASN E 63 -5.44 -15.87 20.34
CA ASN E 63 -4.08 -15.94 20.88
C ASN E 63 -4.00 -16.80 22.14
N SER E 64 -5.16 -17.04 22.79
CA SER E 64 -5.24 -17.98 23.94
C SER E 64 -5.05 -19.44 23.55
N GLN E 65 -5.24 -19.76 22.27
CA GLN E 65 -5.17 -21.12 21.75
C GLN E 65 -3.84 -21.33 21.02
N LYS E 66 -2.82 -21.78 21.74
CA LYS E 66 -1.48 -21.94 21.14
C LYS E 66 -1.45 -23.01 20.06
N ASP E 67 -2.31 -24.03 20.20
CA ASP E 67 -2.45 -25.06 19.15
C ASP E 67 -2.87 -24.42 17.83
N LEU E 68 -3.80 -23.49 17.92
CA LEU E 68 -4.30 -22.77 16.76
C LEU E 68 -3.19 -21.90 16.12
N LEU E 69 -2.50 -21.15 16.96
CA LEU E 69 -1.44 -20.28 16.53
C LEU E 69 -0.34 -21.04 15.82
N GLU E 70 0.02 -22.20 16.36
CA GLU E 70 1.04 -23.02 15.72
C GLU E 70 0.67 -23.43 14.28
N GLN E 71 -0.61 -23.69 14.07
CA GLN E 71 -1.12 -24.08 12.75
C GLN E 71 -1.08 -22.89 11.77
N ARG E 72 -1.36 -21.69 12.26
CA ARG E 72 -1.31 -20.49 11.40
C ARG E 72 0.11 -20.16 11.06
N ARG E 73 1.01 -20.25 12.02
CA ARG E 73 2.45 -20.10 11.79
C ARG E 73 2.92 -21.14 10.76
N ALA E 74 2.43 -22.39 10.83
CA ALA E 74 2.83 -23.42 9.84
C ALA E 74 2.24 -23.23 8.45
N ALA E 75 1.20 -22.38 8.35
CA ALA E 75 0.55 -22.19 7.05
C ALA E 75 1.46 -21.55 6.00
N VAL E 76 2.53 -20.90 6.43
CA VAL E 76 3.57 -20.43 5.53
C VAL E 76 4.03 -21.62 4.65
N ASP E 77 4.12 -22.80 5.23
CA ASP E 77 4.44 -24.04 4.44
C ASP E 77 3.22 -24.80 3.92
N THR E 78 2.23 -25.02 4.76
CA THR E 78 1.11 -25.91 4.39
C THR E 78 0.10 -25.24 3.42
N TYR E 79 0.18 -23.89 3.31
CA TYR E 79 -0.77 -23.10 2.52
C TYR E 79 -0.03 -22.29 1.46
N CYS E 80 0.77 -21.30 1.87
CA CYS E 80 1.52 -20.48 0.94
C CYS E 80 2.46 -21.29 0.04
N ARG E 81 3.47 -21.96 0.60
CA ARG E 81 4.40 -22.69 -0.28
C ARG E 81 3.72 -23.80 -1.04
N HIS E 82 2.74 -24.45 -0.41
CA HIS E 82 2.01 -25.48 -1.10
C HIS E 82 1.36 -24.90 -2.36
N ASN E 83 0.55 -23.86 -2.19
CA ASN E 83 -0.19 -23.27 -3.33
C ASN E 83 0.70 -22.68 -4.43
N TYR E 84 1.80 -22.07 -4.02
CA TYR E 84 2.80 -21.64 -4.99
C TYR E 84 3.30 -22.82 -5.84
N GLY E 85 3.55 -23.97 -5.22
CA GLY E 85 4.05 -25.11 -5.96
C GLY E 85 2.99 -25.60 -6.93
N VAL E 86 1.73 -25.60 -6.52
CA VAL E 86 0.68 -26.10 -7.38
C VAL E 86 0.50 -25.14 -8.55
N GLY E 87 0.49 -23.84 -8.28
CA GLY E 87 0.09 -22.85 -9.31
C GLY E 87 1.18 -22.25 -10.18
N GLU E 88 2.45 -22.51 -9.83
CA GLU E 88 3.60 -21.84 -10.42
C GLU E 88 3.66 -21.89 -11.92
N SER E 89 3.48 -23.07 -12.46
CA SER E 89 3.66 -23.29 -13.89
C SER E 89 2.67 -22.50 -14.78
N PHE E 90 1.46 -22.18 -14.29
CA PHE E 90 0.50 -21.41 -15.06
C PHE E 90 0.17 -19.98 -14.55
N THR E 91 0.92 -19.51 -13.55
CA THR E 91 0.77 -18.15 -12.94
C THR E 91 2.13 -17.40 -13.00
N VAL E 92 3.01 -17.73 -12.05
CA VAL E 92 4.37 -17.26 -11.99
C VAL E 92 5.09 -17.41 -13.32
N GLN E 93 4.91 -18.52 -14.02
CA GLN E 93 5.64 -18.75 -15.25
C GLN E 93 4.89 -18.36 -16.50
N ARG E 94 3.67 -17.86 -16.40
CA ARG E 94 2.89 -17.47 -17.56
C ARG E 94 3.58 -16.32 -18.33
N ARG E 95 3.70 -16.48 -19.64
CA ARG E 95 4.29 -15.47 -20.52
C ARG E 95 3.44 -15.37 -21.75
N VAL E 96 2.93 -14.17 -22.04
CA VAL E 96 2.24 -13.94 -23.30
C VAL E 96 2.84 -12.68 -23.93
N GLU E 97 3.31 -12.84 -25.16
CA GLU E 97 4.07 -11.79 -25.86
C GLU E 97 3.16 -10.60 -26.28
N PRO E 98 3.64 -9.37 -26.08
CA PRO E 98 2.80 -8.25 -26.50
C PRO E 98 2.67 -8.14 -28.02
N LYS E 99 1.48 -7.75 -28.49
CA LYS E 99 1.28 -7.28 -29.85
C LYS E 99 1.52 -5.74 -29.88
N VAL E 100 2.49 -5.29 -30.68
CA VAL E 100 2.89 -3.91 -30.78
C VAL E 100 2.51 -3.39 -32.16
N THR E 101 1.68 -2.35 -32.20
CA THR E 101 1.36 -1.63 -33.43
C THR E 101 1.51 -0.11 -33.16
N VAL E 102 1.82 0.63 -34.22
CA VAL E 102 1.94 2.07 -34.19
C VAL E 102 0.98 2.65 -35.19
N TYR E 103 0.20 3.65 -34.75
CA TYR E 103 -0.64 4.42 -35.65
C TYR E 103 -0.64 5.91 -35.28
N PRO E 104 -0.90 6.77 -36.29
CA PRO E 104 -0.93 8.21 -36.07
C PRO E 104 -2.28 8.66 -35.56
N SER E 105 -2.30 9.75 -34.82
CA SER E 105 -3.56 10.34 -34.36
C SER E 105 -3.41 11.85 -34.31
N LYS E 106 -4.35 12.51 -33.67
CA LYS E 106 -4.36 13.96 -33.63
C LYS E 106 -4.71 14.41 -32.24
N THR E 107 -4.07 15.47 -31.75
CA THR E 107 -4.54 16.07 -30.49
C THR E 107 -5.92 16.74 -30.58
N GLN E 108 -6.34 17.21 -31.76
CA GLN E 108 -7.68 17.80 -31.96
C GLN E 108 -7.93 17.69 -33.47
N PRO E 109 -9.10 18.10 -33.99
CA PRO E 109 -9.17 18.05 -35.48
C PRO E 109 -8.09 18.93 -36.16
N LEU E 110 -7.37 18.33 -37.11
CA LEU E 110 -6.24 18.92 -37.76
C LEU E 110 -6.18 18.30 -39.12
N GLN E 111 -5.54 19.00 -40.04
CA GLN E 111 -5.32 18.46 -41.36
C GLN E 111 -4.21 17.41 -41.37
N HIS E 112 -3.20 17.54 -40.49
CA HIS E 112 -2.13 16.56 -40.39
C HIS E 112 -2.10 15.89 -38.98
N HIS E 113 -1.54 14.67 -38.94
CA HIS E 113 -1.33 13.94 -37.68
C HIS E 113 -0.21 14.55 -36.88
N ASN E 114 -0.44 14.77 -35.59
CA ASN E 114 0.61 15.23 -34.66
C ASN E 114 0.86 14.34 -33.43
N LEU E 115 0.32 13.12 -33.46
CA LEU E 115 0.46 12.10 -32.41
C LEU E 115 0.87 10.78 -33.05
N LEU E 116 1.86 10.10 -32.47
CA LEU E 116 2.18 8.73 -32.80
C LEU E 116 1.84 7.89 -31.58
N VAL E 117 0.94 6.92 -31.79
CA VAL E 117 0.42 6.07 -30.74
C VAL E 117 1.09 4.71 -30.83
N CYS E 118 1.78 4.31 -29.77
CA CYS E 118 2.33 2.95 -29.62
C CYS E 118 1.38 2.14 -28.74
N SER E 119 0.66 1.24 -29.38
CA SER E 119 -0.26 0.32 -28.75
C SER E 119 0.37 -1.03 -28.43
N VAL E 120 0.35 -1.40 -27.16
CA VAL E 120 1.04 -2.61 -26.70
C VAL E 120 -0.02 -3.36 -25.94
N SER E 121 -0.48 -4.48 -26.50
CA SER E 121 -1.66 -5.15 -25.96
C SER E 121 -1.50 -6.67 -25.84
N GLY E 122 -2.39 -7.25 -25.04
CA GLY E 122 -2.49 -8.70 -24.90
C GLY E 122 -1.38 -9.43 -24.19
N PHE E 123 -0.65 -8.72 -23.34
CA PHE E 123 0.57 -9.28 -22.74
C PHE E 123 0.37 -9.73 -21.27
N TYR E 124 1.29 -10.57 -20.81
CA TYR E 124 1.33 -11.10 -19.43
C TYR E 124 2.77 -11.53 -19.16
N PRO E 125 3.40 -11.16 -18.05
CA PRO E 125 2.79 -10.38 -16.96
C PRO E 125 2.79 -8.89 -17.22
N GLY E 126 2.33 -8.12 -16.23
CA GLY E 126 2.13 -6.65 -16.37
C GLY E 126 3.39 -5.82 -16.41
N SER E 127 4.47 -6.38 -15.94
CA SER E 127 5.75 -5.70 -15.97
C SER E 127 6.25 -5.40 -17.43
N ILE E 128 6.34 -4.10 -17.78
CA ILE E 128 6.69 -3.73 -19.16
C ILE E 128 7.38 -2.38 -19.21
N GLU E 129 8.22 -2.17 -20.20
CA GLU E 129 8.83 -0.87 -20.42
C GLU E 129 8.57 -0.48 -21.88
N VAL E 130 8.06 0.72 -22.12
CA VAL E 130 7.70 1.15 -23.49
C VAL E 130 8.35 2.49 -23.68
N ARG E 131 9.21 2.61 -24.67
CA ARG E 131 9.94 3.87 -24.91
C ARG E 131 9.74 4.34 -26.32
N TRP E 132 9.70 5.67 -26.48
CA TRP E 132 9.75 6.31 -27.81
C TRP E 132 11.14 6.84 -28.10
N PHE E 133 11.57 6.59 -29.32
CA PHE E 133 12.85 7.14 -29.83
C PHE E 133 12.55 7.96 -31.07
N ARG E 134 13.28 9.05 -31.22
CA ARG E 134 13.35 9.76 -32.53
C ARG E 134 14.80 9.81 -33.04
N ASN E 135 15.01 9.30 -34.23
CA ASN E 135 16.34 9.11 -34.82
C ASN E 135 17.35 8.57 -33.81
N GLY E 136 16.97 7.49 -33.13
CA GLY E 136 17.88 6.82 -32.21
C GLY E 136 18.05 7.41 -30.84
N GLN E 137 17.31 8.47 -30.53
CA GLN E 137 17.44 9.17 -29.27
C GLN E 137 16.13 9.14 -28.53
N GLU E 138 16.16 8.79 -27.25
CA GLU E 138 14.95 8.62 -26.48
C GLU E 138 14.22 9.94 -26.25
N GLU E 139 12.92 9.97 -26.55
CA GLU E 139 12.01 11.11 -26.32
C GLU E 139 11.29 10.99 -24.99
N LYS E 140 11.30 11.99 -24.11
CA LYS E 140 10.50 11.91 -22.84
C LYS E 140 9.47 13.04 -22.54
N ALA E 141 9.77 14.27 -22.95
CA ALA E 141 8.87 15.41 -22.60
C ALA E 141 7.50 15.47 -23.33
N GLY E 142 7.41 15.07 -24.61
CA GLY E 142 6.08 15.05 -25.35
C GLY E 142 5.33 13.73 -25.32
N VAL E 143 5.50 12.96 -24.23
CA VAL E 143 5.04 11.58 -24.12
C VAL E 143 4.03 11.45 -23.01
N VAL E 144 2.91 10.81 -23.31
CA VAL E 144 1.85 10.59 -22.37
C VAL E 144 1.31 9.18 -22.54
N SER E 145 0.74 8.62 -21.48
CA SER E 145 0.31 7.21 -21.52
C SER E 145 -0.98 7.01 -20.76
N THR E 146 -1.62 5.91 -21.07
CA THR E 146 -2.70 5.37 -20.26
C THR E 146 -2.17 4.82 -18.93
N GLY E 147 -0.90 4.50 -18.85
CA GLY E 147 -0.40 3.57 -17.84
C GLY E 147 -0.84 2.12 -18.12
N LEU E 148 -0.53 1.27 -17.16
CA LEU E 148 -0.75 -0.15 -17.31
C LEU E 148 -2.24 -0.43 -17.04
N ILE E 149 -2.91 -1.04 -18.02
CA ILE E 149 -4.35 -1.37 -17.93
C ILE E 149 -4.47 -2.89 -17.79
N GLN E 150 -5.09 -3.35 -16.70
CA GLN E 150 -5.48 -4.77 -16.49
C GLN E 150 -6.78 -5.05 -17.21
N ASN E 151 -6.81 -6.03 -18.11
CA ASN E 151 -8.03 -6.34 -18.88
C ASN E 151 -9.03 -7.22 -18.10
N GLY E 152 -8.60 -7.90 -17.03
CA GLY E 152 -9.46 -8.77 -16.26
C GLY E 152 -9.40 -10.23 -16.67
N ASP E 153 -8.68 -10.54 -17.72
CA ASP E 153 -8.65 -11.86 -18.33
C ASP E 153 -7.21 -12.41 -18.49
N TRP E 154 -6.35 -12.01 -17.57
CA TRP E 154 -4.93 -12.35 -17.57
C TRP E 154 -4.18 -11.80 -18.77
N THR E 155 -4.65 -10.66 -19.31
CA THR E 155 -3.80 -9.83 -20.18
C THR E 155 -3.80 -8.35 -19.69
N PHE E 156 -2.79 -7.63 -20.16
CA PHE E 156 -2.69 -6.20 -19.92
C PHE E 156 -2.53 -5.51 -21.27
N GLN E 157 -2.75 -4.20 -21.25
CA GLN E 157 -2.42 -3.35 -22.36
C GLN E 157 -1.93 -1.96 -21.86
N THR E 158 -1.30 -1.22 -22.78
CA THR E 158 -1.03 0.16 -22.56
C THR E 158 -0.99 0.89 -23.91
N LEU E 159 -1.25 2.19 -23.89
CA LEU E 159 -0.96 3.07 -25.03
C LEU E 159 0.00 4.14 -24.59
N VAL E 160 1.06 4.30 -25.36
CA VAL E 160 2.08 5.29 -25.10
C VAL E 160 2.12 6.22 -26.34
N MET E 161 1.74 7.48 -26.11
CA MET E 161 1.59 8.49 -27.18
C MET E 161 2.71 9.51 -27.21
N LEU E 162 3.19 9.82 -28.40
CA LEU E 162 4.21 10.83 -28.59
C LEU E 162 3.63 12.02 -29.38
N GLU E 163 3.59 13.21 -28.79
CA GLU E 163 3.17 14.43 -29.57
C GLU E 163 4.37 15.01 -30.33
N THR E 164 4.22 15.17 -31.63
CA THR E 164 5.34 15.54 -32.46
C THR E 164 4.81 16.09 -33.79
N VAL E 165 5.68 16.81 -34.49
CA VAL E 165 5.45 17.28 -35.85
C VAL E 165 6.41 16.52 -36.75
N PRO E 166 5.94 15.44 -37.38
CA PRO E 166 6.91 14.65 -38.16
C PRO E 166 7.47 15.40 -39.37
N ARG E 167 8.73 15.11 -39.72
CA ARG E 167 9.41 15.69 -40.86
C ARG E 167 9.91 14.52 -41.65
N SER E 168 9.76 14.55 -42.96
CA SER E 168 10.15 13.39 -43.75
C SER E 168 11.65 13.08 -43.58
N GLY E 169 11.97 11.78 -43.68
CA GLY E 169 13.27 11.30 -43.32
C GLY E 169 13.44 10.96 -41.84
N GLU E 170 12.55 11.45 -40.96
CA GLU E 170 12.64 11.14 -39.53
C GLU E 170 12.14 9.73 -39.25
N VAL E 171 12.79 9.07 -38.32
CA VAL E 171 12.37 7.75 -37.90
C VAL E 171 11.99 7.77 -36.45
N TYR E 172 10.75 7.38 -36.17
CA TYR E 172 10.31 7.22 -34.82
C TYR E 172 10.17 5.73 -34.52
N THR E 173 10.66 5.32 -33.37
CA THR E 173 10.63 3.90 -32.99
C THR E 173 10.03 3.75 -31.62
N CYS E 174 9.04 2.86 -31.52
CA CYS E 174 8.48 2.44 -30.29
C CYS E 174 9.25 1.18 -29.85
N GLN E 175 9.82 1.18 -28.64
CA GLN E 175 10.58 0.03 -28.17
C GLN E 175 9.96 -0.55 -26.91
N VAL E 176 9.77 -1.88 -26.89
CA VAL E 176 9.11 -2.56 -25.80
C VAL E 176 10.00 -3.70 -25.21
N GLU E 177 10.24 -3.66 -23.91
CA GLU E 177 10.92 -4.75 -23.19
C GLU E 177 9.93 -5.35 -22.25
N HIS E 178 9.88 -6.67 -22.25
CA HIS E 178 8.90 -7.46 -21.50
C HIS E 178 9.55 -8.83 -21.22
N PRO E 179 9.21 -9.49 -20.10
CA PRO E 179 9.90 -10.76 -19.75
C PRO E 179 9.67 -11.90 -20.76
N SER E 180 8.62 -11.79 -21.57
CA SER E 180 8.35 -12.75 -22.63
C SER E 180 9.35 -12.77 -23.79
N VAL E 181 10.23 -11.77 -23.89
CA VAL E 181 11.20 -11.69 -25.02
C VAL E 181 12.59 -11.37 -24.51
N THR E 182 13.61 -11.93 -25.17
CA THR E 182 14.98 -11.75 -24.70
C THR E 182 15.69 -10.52 -25.29
N SER E 183 15.11 -9.92 -26.31
CA SER E 183 15.59 -8.59 -26.73
C SER E 183 14.38 -7.74 -27.11
N PRO E 184 14.58 -6.41 -27.19
CA PRO E 184 13.42 -5.55 -27.35
C PRO E 184 12.60 -5.80 -28.60
N LEU E 185 11.28 -5.63 -28.49
CA LEU E 185 10.42 -5.50 -29.67
C LEU E 185 10.49 -4.02 -30.14
N THR E 186 10.46 -3.80 -31.44
CA THR E 186 10.51 -2.43 -31.96
C THR E 186 9.59 -2.33 -33.12
N VAL E 187 8.91 -1.21 -33.26
CA VAL E 187 8.15 -0.90 -34.44
C VAL E 187 8.55 0.52 -34.87
N GLU E 188 8.90 0.66 -36.14
CA GLU E 188 9.48 1.86 -36.71
C GLU E 188 8.39 2.56 -37.48
N TRP E 189 8.45 3.88 -37.50
CA TRP E 189 7.52 4.70 -38.29
C TRP E 189 8.42 5.73 -38.97
N ARG E 190 8.59 5.63 -40.30
CA ARG E 190 9.39 6.62 -41.04
C ARG E 190 8.43 7.67 -41.58
N ALA E 191 8.62 8.89 -41.11
CA ALA E 191 7.84 10.04 -41.57
C ALA E 191 8.26 10.48 -42.99
N ALA F 1 -10.29 -35.49 -8.30
CA ALA F 1 -9.72 -35.72 -9.66
C ALA F 1 -8.19 -35.47 -9.77
N ARG F 2 -7.62 -35.81 -10.92
CA ARG F 2 -6.15 -36.11 -11.04
C ARG F 2 -5.11 -35.01 -10.67
N ARG F 3 -5.50 -33.73 -10.62
CA ARG F 3 -4.52 -32.63 -10.64
C ARG F 3 -4.22 -32.10 -9.25
N PRO F 4 -3.00 -31.61 -9.03
CA PRO F 4 -2.65 -31.21 -7.66
C PRO F 4 -3.62 -30.14 -7.09
N PRO F 5 -4.07 -30.29 -5.83
CA PRO F 5 -5.11 -29.41 -5.31
C PRO F 5 -4.55 -28.13 -4.71
N LEU F 6 -5.17 -27.00 -5.03
CA LEU F 6 -5.00 -25.78 -4.26
C LEU F 6 -5.71 -26.00 -2.96
N ALA F 7 -5.13 -25.49 -1.90
CA ALA F 7 -5.67 -25.61 -0.56
C ALA F 7 -6.13 -24.25 -0.05
N GLU F 8 -7.32 -24.20 0.55
CA GLU F 8 -7.76 -22.99 1.27
C GLU F 8 -7.30 -23.05 2.69
N LEU F 9 -7.13 -21.89 3.28
CA LEU F 9 -6.94 -21.77 4.70
C LEU F 9 -8.31 -21.57 5.34
N ALA F 10 -8.56 -22.22 6.46
CA ALA F 10 -9.89 -22.19 7.08
C ALA F 10 -10.19 -20.88 7.80
N ALA F 11 -11.45 -20.47 7.77
CA ALA F 11 -11.92 -19.32 8.50
C ALA F 11 -12.13 -19.73 9.93
N LEU F 12 -11.75 -18.86 10.85
CA LEU F 12 -11.90 -19.07 12.25
C LEU F 12 -13.21 -18.44 12.69
N ASN F 13 -13.84 -19.01 13.71
CA ASN F 13 -14.95 -18.37 14.43
C ASN F 13 -14.49 -17.23 15.33
N LEU F 14 -15.20 -16.11 15.29
CA LEU F 14 -14.90 -14.99 16.17
C LEU F 14 -15.28 -15.32 17.58
N SER F 15 -14.72 -14.57 18.51
CA SER F 15 -15.20 -14.54 19.89
C SER F 15 -16.71 -14.22 19.92
N GLY F 16 -17.46 -14.85 20.82
CA GLY F 16 -18.92 -14.65 20.95
C GLY F 16 -19.82 -15.67 20.27
N SER F 17 -19.24 -16.71 19.64
CA SER F 17 -19.93 -17.97 19.26
C SER F 17 -18.84 -18.95 18.82
N ARG F 18 -19.17 -20.23 18.62
CA ARG F 18 -18.18 -21.25 18.17
C ARG F 18 -18.70 -22.26 17.14
N LEU F 19 -19.63 -21.85 16.26
CA LEU F 19 -20.24 -22.76 15.24
C LEU F 19 -19.28 -23.05 14.04
#